data_6I6L
#
_entry.id   6I6L
#
_cell.length_a   68.221
_cell.length_b   75.942
_cell.length_c   76.571
_cell.angle_alpha   90.00
_cell.angle_beta   101.62
_cell.angle_gamma   90.00
#
_symmetry.space_group_name_H-M   'P 1 21 1'
#
loop_
_entity.id
_entity.type
_entity.pdbx_description
1 polymer 'O-methyltransferase 1'
2 non-polymer Tetrahydrocolumbamine
3 non-polymer S-ADENOSYL-L-HOMOCYSTEINE
4 water water
#
_entity_poly.entity_id   1
_entity_poly.type   'polypeptide(L)'
_entity_poly.pdbx_seq_one_letter_code
;GPAMATNGEIFNTYGHNHQSATVTKITASNESSNGVCYLSETANLGKLICIPMALRAAMELNVFQLISKFGTDAKVSASE
IASKMPNAKNNPEAAMYLDRILRLLGASSILSVSTTAASINRGGDDVVVHEKLYGLTNSSCCLVPRQEDGVSLVEELLFT
SDKVVVDSFFKLKCVVEEKDSVPFEVAHGAKIFEYAATEPRMNQVFNDGMAVFSIVVFEAVFRVYDGFLDMKELLDVGGG
IGTSVSKIVAKYPLIRGVNFDLPHVISVAPQYPGVEHVAGDMFEEVPKGQNMLLKWVLHDWGDERCVKLLKNCWNSLPVG
GKVLIIEFVLPNELGNNAESFNALIPDLLLMALNPGGKERTISEYDDLGKAAGFIKTIPIPISNGLHVIEFHK
;
_entity_poly.pdbx_strand_id   A,B
#
# COMPACT_ATOMS: atom_id res chain seq x y z
N CYS A 37 -21.98 -9.40 4.55
CA CYS A 37 -20.63 -9.88 4.17
C CYS A 37 -19.60 -8.76 4.38
N TYR A 38 -20.08 -7.55 4.74
CA TYR A 38 -19.17 -6.42 4.99
C TYR A 38 -18.04 -6.81 5.94
N LEU A 39 -18.36 -7.44 7.08
CA LEU A 39 -17.33 -7.67 8.14
C LEU A 39 -16.45 -8.92 7.84
N SER A 40 -16.64 -9.57 6.72
CA SER A 40 -15.64 -10.50 6.16
C SER A 40 -14.70 -9.68 5.26
N GLU A 41 -15.30 -8.82 4.44
CA GLU A 41 -14.48 -8.10 3.44
C GLU A 41 -13.66 -6.97 4.08
N THR A 42 -14.03 -6.49 5.26
CA THR A 42 -13.19 -5.50 5.93
C THR A 42 -11.76 -6.04 6.11
N ALA A 43 -11.61 -7.33 6.41
CA ALA A 43 -10.29 -7.94 6.60
C ALA A 43 -9.52 -7.97 5.27
N ASN A 44 -10.17 -8.39 4.23
CA ASN A 44 -9.49 -8.57 2.94
C ASN A 44 -9.06 -7.23 2.36
N LEU A 45 -9.87 -6.22 2.52
CA LEU A 45 -9.56 -4.92 1.91
C LEU A 45 -8.72 -4.06 2.85
N GLY A 46 -8.98 -4.11 4.15
CA GLY A 46 -8.30 -3.17 5.07
C GLY A 46 -6.86 -3.52 5.30
N LYS A 47 -6.44 -4.77 5.03
CA LYS A 47 -5.03 -5.16 5.22
C LYS A 47 -4.17 -4.62 4.08
N LEU A 48 -4.75 -4.19 2.97
CA LEU A 48 -3.95 -3.89 1.76
C LEU A 48 -2.95 -2.75 2.03
N ILE A 49 -3.34 -1.70 2.72
CA ILE A 49 -2.38 -0.60 3.01
C ILE A 49 -1.43 -1.01 4.12
N CYS A 50 -1.92 -1.85 5.04
CA CYS A 50 -1.13 -2.15 6.27
C CYS A 50 0.11 -3.02 5.97
N ILE A 51 -0.07 -4.02 5.10
CA ILE A 51 1.03 -4.98 4.87
C ILE A 51 2.25 -4.25 4.30
N PRO A 52 2.19 -3.43 3.22
CA PRO A 52 3.40 -2.84 2.70
C PRO A 52 4.07 -1.91 3.70
N MET A 53 3.30 -1.21 4.53
CA MET A 53 3.88 -0.25 5.49
C MET A 53 4.55 -1.04 6.63
N ALA A 54 3.96 -2.13 7.07
CA ALA A 54 4.65 -3.01 8.04
C ALA A 54 5.94 -3.57 7.43
N LEU A 55 5.88 -3.98 6.17
CA LEU A 55 7.07 -4.53 5.51
C LEU A 55 8.17 -3.46 5.48
N ARG A 56 7.83 -2.24 5.09
CA ARG A 56 8.83 -1.18 5.01
C ARG A 56 9.49 -0.97 6.36
N ALA A 57 8.67 -0.91 7.41
CA ALA A 57 9.25 -0.71 8.75
C ALA A 57 10.19 -1.87 9.11
N ALA A 58 9.79 -3.10 8.81
CA ALA A 58 10.65 -4.26 9.11
C ALA A 58 11.97 -4.16 8.33
N MET A 59 11.93 -3.76 7.07
CA MET A 59 13.17 -3.62 6.29
C MET A 59 14.01 -2.48 6.90
N GLU A 60 13.41 -1.34 7.25
CA GLU A 60 14.21 -0.23 7.83
C GLU A 60 14.83 -0.59 9.17
N LEU A 61 14.18 -1.49 9.91
CA LEU A 61 14.69 -1.99 11.19
C LEU A 61 15.65 -3.17 11.01
N ASN A 62 15.88 -3.61 9.77
CA ASN A 62 16.76 -4.73 9.38
CA ASN A 62 16.83 -4.71 9.50
C ASN A 62 16.36 -6.04 10.06
N VAL A 63 15.07 -6.25 10.18
CA VAL A 63 14.55 -7.43 10.89
C VAL A 63 15.00 -8.73 10.24
N PHE A 64 14.94 -8.79 8.92
CA PHE A 64 15.20 -10.05 8.22
C PHE A 64 16.68 -10.44 8.37
N GLN A 65 17.61 -9.53 8.17
CA GLN A 65 19.05 -9.79 8.39
C GLN A 65 19.26 -10.19 9.88
N LEU A 66 18.59 -9.54 10.83
CA LEU A 66 18.81 -9.84 12.27
C LEU A 66 18.36 -11.25 12.51
N ILE A 67 17.19 -11.69 11.97
CA ILE A 67 16.78 -13.09 12.15
C ILE A 67 17.87 -14.00 11.54
N SER A 68 18.36 -13.67 10.36
CA SER A 68 19.31 -14.51 9.57
C SER A 68 20.64 -14.70 10.35
N LYS A 69 21.06 -13.74 11.17
CA LYS A 69 22.33 -13.78 11.93
C LYS A 69 22.23 -14.75 13.12
N PHE A 70 21.04 -15.23 13.47
CA PHE A 70 20.88 -16.37 14.40
C PHE A 70 21.03 -17.71 13.63
N GLY A 71 21.11 -17.65 12.30
CA GLY A 71 21.07 -18.84 11.42
C GLY A 71 19.91 -18.66 10.46
N THR A 72 20.08 -19.02 9.19
CA THR A 72 18.98 -18.88 8.19
C THR A 72 17.73 -19.66 8.60
N ASP A 73 17.90 -20.80 9.32
CA ASP A 73 16.76 -21.67 9.72
C ASP A 73 16.22 -21.24 11.11
N ALA A 74 16.76 -20.20 11.69
CA ALA A 74 16.40 -19.84 13.07
C ALA A 74 14.96 -19.33 13.19
N LYS A 75 14.41 -19.56 14.36
CA LYS A 75 13.07 -19.08 14.72
C LYS A 75 13.27 -18.33 16.02
N VAL A 76 13.05 -17.02 16.01
CA VAL A 76 13.42 -16.16 17.16
C VAL A 76 12.33 -15.19 17.51
N SER A 77 12.31 -14.82 18.78
CA SER A 77 11.24 -13.97 19.32
C SER A 77 11.51 -12.50 19.00
N ALA A 78 10.47 -11.70 19.15
CA ALA A 78 10.62 -10.23 19.03
C ALA A 78 11.68 -9.69 19.99
N SER A 79 11.70 -10.18 21.25
CA SER A 79 12.70 -9.67 22.23
C SER A 79 14.10 -10.04 21.76
N GLU A 80 14.29 -11.25 21.22
CA GLU A 80 15.63 -11.64 20.75
C GLU A 80 16.02 -10.73 19.56
N ILE A 81 15.10 -10.46 18.64
CA ILE A 81 15.44 -9.54 17.52
C ILE A 81 15.75 -8.15 18.05
N ALA A 82 14.91 -7.61 18.93
CA ALA A 82 15.10 -6.24 19.48
C ALA A 82 16.44 -6.12 20.22
N SER A 83 16.90 -7.23 20.86
CA SER A 83 18.17 -7.23 21.61
C SER A 83 19.36 -6.88 20.69
N LYS A 84 19.22 -7.09 19.41
CA LYS A 84 20.25 -6.85 18.37
C LYS A 84 20.10 -5.50 17.70
N MET A 85 19.21 -4.67 18.23
CA MET A 85 18.98 -3.32 17.75
C MET A 85 19.52 -2.34 18.79
N PRO A 86 20.73 -1.80 18.60
CA PRO A 86 21.29 -0.88 19.61
C PRO A 86 20.38 0.35 19.84
N ASN A 87 19.61 0.76 18.84
CA ASN A 87 18.74 1.93 19.01
C ASN A 87 17.60 1.64 19.97
N ALA A 88 17.22 0.37 20.18
CA ALA A 88 16.10 -0.02 21.03
C ALA A 88 16.54 -0.31 22.48
N LYS A 89 17.82 -0.13 22.81
CA LYS A 89 18.30 -0.73 24.06
C LYS A 89 17.80 0.00 25.31
N ASN A 90 17.32 1.21 25.21
CA ASN A 90 16.73 1.93 26.36
C ASN A 90 15.20 2.04 26.23
N ASN A 91 14.60 1.18 25.42
CA ASN A 91 13.14 1.17 25.18
C ASN A 91 12.57 -0.15 25.66
N PRO A 92 12.08 -0.22 26.90
CA PRO A 92 11.51 -1.47 27.41
C PRO A 92 10.38 -2.01 26.54
N GLU A 93 9.63 -1.12 25.90
CA GLU A 93 8.45 -1.51 25.10
C GLU A 93 8.81 -1.87 23.65
N ALA A 94 10.09 -1.81 23.26
CA ALA A 94 10.46 -2.04 21.85
C ALA A 94 9.96 -3.38 21.34
N ALA A 95 10.23 -4.45 22.11
CA ALA A 95 9.90 -5.78 21.61
C ALA A 95 8.38 -5.94 21.44
N MET A 96 7.59 -5.39 22.36
CA MET A 96 6.13 -5.51 22.21
C MET A 96 5.66 -4.79 20.96
N TYR A 97 6.20 -3.60 20.68
CA TYR A 97 5.82 -2.91 19.44
C TYR A 97 6.31 -3.69 18.22
N LEU A 98 7.54 -4.17 18.28
CA LEU A 98 8.08 -4.99 17.17
C LEU A 98 7.18 -6.20 16.90
N ASP A 99 6.77 -6.91 17.94
CA ASP A 99 5.89 -8.06 17.83
C ASP A 99 4.62 -7.71 17.07
N ARG A 100 4.06 -6.54 17.31
CA ARG A 100 2.82 -6.14 16.63
C ARG A 100 3.05 -5.94 15.12
N ILE A 101 4.23 -5.50 14.73
CA ILE A 101 4.59 -5.42 13.28
C ILE A 101 4.75 -6.84 12.76
N LEU A 102 5.56 -7.65 13.43
CA LEU A 102 5.96 -8.97 12.93
C LEU A 102 4.75 -9.90 12.84
N ARG A 103 3.81 -9.82 13.76
CA ARG A 103 2.69 -10.77 13.72
C ARG A 103 1.82 -10.50 12.50
N LEU A 104 1.75 -9.28 12.03
CA LEU A 104 1.01 -9.02 10.78
C LEU A 104 1.76 -9.62 9.59
N LEU A 105 3.08 -9.50 9.58
CA LEU A 105 3.87 -10.11 8.49
C LEU A 105 3.78 -11.64 8.55
N GLY A 106 3.72 -12.19 9.76
CA GLY A 106 3.54 -13.62 9.94
C GLY A 106 2.16 -14.11 9.45
N ALA A 107 1.11 -13.30 9.59
CA ALA A 107 -0.24 -13.62 9.09
C ALA A 107 -0.26 -13.47 7.56
N SER A 108 0.70 -12.78 6.98
CA SER A 108 0.71 -12.46 5.54
C SER A 108 1.73 -13.28 4.75
N SER A 109 2.15 -14.48 5.25
N SER A 109 2.21 -14.38 5.37
CA SER A 109 3.24 -15.32 4.61
CA SER A 109 3.25 -15.34 4.90
C SER A 109 4.49 -14.49 4.19
C SER A 109 4.60 -14.70 4.50
N ILE A 110 4.93 -13.50 5.03
CA ILE A 110 6.29 -12.91 4.89
C ILE A 110 7.24 -13.49 5.94
N LEU A 111 6.73 -13.81 7.11
CA LEU A 111 7.48 -14.54 8.15
C LEU A 111 6.70 -15.79 8.50
N SER A 112 7.42 -16.79 8.99
CA SER A 112 6.79 -17.96 9.66
C SER A 112 6.58 -17.59 11.13
N VAL A 113 5.55 -18.16 11.71
CA VAL A 113 5.23 -17.98 13.14
C VAL A 113 5.06 -19.33 13.80
N SER A 114 5.65 -19.48 14.97
CA SER A 114 5.57 -20.74 15.74
C SER A 114 5.63 -20.47 17.25
N THR A 115 5.18 -21.43 18.08
CA THR A 115 5.00 -21.19 19.55
C THR A 115 6.09 -21.87 20.41
N GLU A 131 5.56 -14.91 23.98
CA GLU A 131 6.20 -14.56 22.68
C GLU A 131 6.23 -15.74 21.68
N LYS A 132 5.68 -15.45 20.52
CA LYS A 132 5.85 -16.33 19.37
C LYS A 132 7.27 -16.18 18.79
N LEU A 133 7.66 -17.15 18.00
CA LEU A 133 8.95 -17.16 17.29
C LEU A 133 8.73 -16.96 15.80
N TYR A 134 9.57 -16.14 15.21
CA TYR A 134 9.50 -15.77 13.80
C TYR A 134 10.68 -16.35 13.03
N GLY A 135 10.39 -16.83 11.85
CA GLY A 135 11.40 -17.33 10.92
C GLY A 135 11.25 -16.74 9.54
N LEU A 136 12.28 -16.91 8.74
CA LEU A 136 12.24 -16.49 7.33
C LEU A 136 11.41 -17.46 6.50
N THR A 137 10.92 -16.92 5.40
CA THR A 137 10.21 -17.64 4.34
C THR A 137 11.00 -17.48 3.04
N ASN A 138 10.55 -18.13 1.99
CA ASN A 138 11.16 -17.90 0.64
C ASN A 138 11.14 -16.42 0.29
N SER A 139 10.07 -15.70 0.61
CA SER A 139 9.99 -14.27 0.22
C SER A 139 10.96 -13.47 1.09
N SER A 140 11.01 -13.67 2.40
CA SER A 140 11.83 -12.82 3.26
C SER A 140 13.32 -13.17 3.14
N CYS A 141 13.68 -14.37 2.68
CA CYS A 141 15.10 -14.65 2.36
C CYS A 141 15.62 -13.67 1.31
N CYS A 142 14.74 -13.17 0.44
CA CYS A 142 15.11 -12.21 -0.60
C CYS A 142 15.29 -10.78 -0.04
N LEU A 143 15.07 -10.62 1.25
CA LEU A 143 15.23 -9.37 2.00
C LEU A 143 16.42 -9.39 2.92
N VAL A 144 17.22 -10.43 2.86
CA VAL A 144 18.41 -10.54 3.69
C VAL A 144 19.59 -10.16 2.80
N PRO A 145 20.30 -9.08 3.07
CA PRO A 145 21.50 -8.74 2.28
C PRO A 145 22.48 -9.94 2.31
N ARG A 146 22.92 -10.35 1.15
CA ARG A 146 23.66 -11.60 1.05
C ARG A 146 24.96 -11.45 1.83
N GLN A 147 25.38 -12.52 2.46
CA GLN A 147 26.60 -12.49 3.26
C GLN A 147 27.79 -12.13 2.34
N GLU A 148 27.78 -12.56 1.06
CA GLU A 148 28.92 -12.35 0.14
C GLU A 148 29.07 -10.86 -0.26
N ASP A 149 27.98 -10.11 -0.46
CA ASP A 149 28.03 -8.81 -1.16
C ASP A 149 26.88 -7.86 -0.80
N GLY A 150 26.04 -8.19 0.15
CA GLY A 150 25.03 -7.21 0.61
C GLY A 150 23.81 -7.12 -0.31
N VAL A 151 23.73 -7.88 -1.38
CA VAL A 151 22.64 -7.75 -2.39
C VAL A 151 21.34 -8.36 -1.82
N SER A 152 20.23 -7.73 -2.14
CA SER A 152 18.87 -8.22 -1.84
C SER A 152 17.87 -7.33 -2.57
N LEU A 153 16.59 -7.63 -2.41
CA LEU A 153 15.53 -6.78 -2.99
C LEU A 153 15.23 -5.55 -2.11
N VAL A 154 15.94 -5.36 -1.00
CA VAL A 154 15.59 -4.25 -0.10
C VAL A 154 15.67 -2.94 -0.84
N GLU A 155 16.77 -2.60 -1.51
CA GLU A 155 16.93 -1.27 -2.09
C GLU A 155 15.80 -1.00 -3.08
N GLU A 156 15.46 -1.93 -3.96
CA GLU A 156 14.42 -1.61 -4.95
C GLU A 156 13.06 -1.47 -4.26
N LEU A 157 12.80 -2.29 -3.25
CA LEU A 157 11.51 -2.19 -2.55
C LEU A 157 11.43 -0.93 -1.69
N LEU A 158 12.54 -0.45 -1.18
CA LEU A 158 12.56 0.86 -0.50
C LEU A 158 12.31 1.98 -1.49
N PHE A 159 12.75 1.89 -2.73
CA PHE A 159 12.45 2.91 -3.72
C PHE A 159 10.96 2.85 -4.08
N THR A 160 10.45 1.65 -4.36
CA THR A 160 9.07 1.64 -4.83
C THR A 160 8.00 1.98 -3.82
N SER A 161 8.36 1.94 -2.54
CA SER A 161 7.46 2.42 -1.47
C SER A 161 7.98 3.73 -0.88
N ASP A 162 8.91 4.42 -1.53
CA ASP A 162 9.43 5.70 -1.00
C ASP A 162 8.29 6.71 -1.00
N LYS A 163 8.37 7.70 -0.12
CA LYS A 163 7.39 8.79 -0.09
C LYS A 163 7.28 9.48 -1.44
N VAL A 164 8.36 9.60 -2.21
CA VAL A 164 8.22 10.36 -3.49
C VAL A 164 7.31 9.57 -4.43
N VAL A 165 7.37 8.25 -4.36
CA VAL A 165 6.56 7.38 -5.23
C VAL A 165 5.13 7.34 -4.68
N VAL A 166 4.99 7.12 -3.38
CA VAL A 166 3.61 7.07 -2.82
C VAL A 166 2.89 8.40 -3.02
N ASP A 167 3.59 9.51 -2.88
CA ASP A 167 2.98 10.82 -3.13
C ASP A 167 2.49 10.94 -4.58
N SER A 168 3.23 10.35 -5.52
CA SER A 168 2.81 10.32 -6.91
C SER A 168 1.56 9.43 -7.04
N PHE A 169 1.56 8.29 -6.37
CA PHE A 169 0.36 7.41 -6.46
C PHE A 169 -0.86 8.11 -5.89
N PHE A 170 -0.72 9.01 -4.92
CA PHE A 170 -1.89 9.76 -4.42
C PHE A 170 -2.54 10.58 -5.53
N LYS A 171 -1.81 10.90 -6.60
CA LYS A 171 -2.31 11.70 -7.73
C LYS A 171 -2.61 10.78 -8.93
N LEU A 172 -2.65 9.48 -8.75
CA LEU A 172 -2.82 8.58 -9.90
C LEU A 172 -4.09 8.86 -10.68
N LYS A 173 -5.20 9.23 -10.03
CA LYS A 173 -6.47 9.46 -10.74
C LYS A 173 -6.36 10.60 -11.77
N CYS A 174 -5.38 11.50 -11.64
CA CYS A 174 -5.19 12.63 -12.57
CA CYS A 174 -5.19 12.62 -12.59
C CYS A 174 -4.88 12.11 -14.00
N VAL A 175 -4.25 10.95 -14.12
CA VAL A 175 -3.82 10.46 -15.44
C VAL A 175 -5.07 10.07 -16.21
N VAL A 176 -6.11 9.63 -15.50
CA VAL A 176 -7.37 9.24 -16.14
C VAL A 176 -8.17 10.49 -16.52
N GLU A 177 -8.25 11.44 -15.62
CA GLU A 177 -9.21 12.55 -15.80
C GLU A 177 -8.66 13.60 -16.77
N GLU A 178 -7.39 13.91 -16.67
CA GLU A 178 -6.77 15.12 -17.26
C GLU A 178 -5.79 14.71 -18.37
N LYS A 179 -6.04 15.16 -19.58
CA LYS A 179 -5.14 14.91 -20.72
C LYS A 179 -3.73 15.38 -20.32
N ASP A 180 -2.74 14.59 -20.65
CA ASP A 180 -1.31 14.97 -20.55
C ASP A 180 -0.80 15.21 -19.11
N SER A 181 -1.55 14.90 -18.06
CA SER A 181 -1.06 15.08 -16.67
C SER A 181 -0.16 13.88 -16.33
N VAL A 182 0.80 14.09 -15.47
CA VAL A 182 1.66 13.02 -14.94
C VAL A 182 1.62 13.11 -13.42
N PRO A 183 1.23 12.02 -12.74
CA PRO A 183 1.02 12.12 -11.29
C PRO A 183 2.23 12.65 -10.53
N PHE A 184 3.44 12.20 -10.90
CA PHE A 184 4.66 12.68 -10.23
C PHE A 184 4.80 14.21 -10.34
N GLU A 185 4.49 14.76 -11.51
N GLU A 185 4.51 14.77 -11.50
CA GLU A 185 4.62 16.21 -11.76
CA GLU A 185 4.64 16.21 -11.73
C GLU A 185 3.53 16.95 -10.96
C GLU A 185 3.53 16.94 -10.92
N VAL A 186 2.33 16.39 -10.86
CA VAL A 186 1.25 17.01 -10.11
C VAL A 186 1.69 17.06 -8.63
N ALA A 187 2.29 15.99 -8.14
CA ALA A 187 2.70 15.90 -6.73
C ALA A 187 3.92 16.76 -6.42
N HIS A 188 4.88 16.90 -7.34
CA HIS A 188 6.20 17.46 -7.00
C HIS A 188 6.56 18.74 -7.76
N GLY A 189 5.89 19.05 -8.86
CA GLY A 189 6.20 20.28 -9.58
C GLY A 189 7.32 20.17 -10.59
N ALA A 190 7.82 18.98 -10.81
CA ALA A 190 8.87 18.71 -11.80
C ALA A 190 8.74 17.27 -12.22
N LYS A 191 9.32 16.90 -13.34
CA LYS A 191 9.42 15.52 -13.82
C LYS A 191 10.53 14.83 -13.02
N ILE A 192 10.46 13.51 -13.04
CA ILE A 192 11.26 12.68 -12.10
C ILE A 192 12.77 12.86 -12.28
N PHE A 193 13.25 12.93 -13.53
CA PHE A 193 14.70 13.03 -13.74
C PHE A 193 15.20 14.46 -13.45
N GLU A 194 14.34 15.48 -13.58
CA GLU A 194 14.65 16.85 -13.18
C GLU A 194 14.66 16.90 -11.65
N TYR A 195 13.66 16.28 -11.02
CA TYR A 195 13.58 16.24 -9.54
C TYR A 195 14.84 15.59 -8.93
N ALA A 196 15.29 14.50 -9.52
CA ALA A 196 16.47 13.78 -9.05
C ALA A 196 17.70 14.70 -9.07
N ALA A 197 17.78 15.58 -10.03
CA ALA A 197 18.92 16.49 -10.16
C ALA A 197 18.95 17.50 -9.02
N THR A 198 17.84 17.79 -8.38
CA THR A 198 17.77 18.79 -7.30
C THR A 198 17.53 18.17 -5.92
N GLU A 199 17.39 16.83 -5.83
CA GLU A 199 17.00 16.17 -4.56
C GLU A 199 17.93 14.99 -4.36
N PRO A 200 19.06 15.23 -3.69
CA PRO A 200 20.06 14.17 -3.57
C PRO A 200 19.62 12.89 -2.88
N ARG A 201 18.72 12.99 -1.90
CA ARG A 201 18.22 11.76 -1.20
C ARG A 201 17.45 10.89 -2.19
N MET A 202 16.51 11.49 -2.91
CA MET A 202 15.76 10.72 -3.90
C MET A 202 16.72 10.16 -4.95
N ASN A 203 17.68 10.95 -5.40
CA ASN A 203 18.61 10.46 -6.43
C ASN A 203 19.29 9.18 -5.90
N GLN A 204 19.75 9.20 -4.64
CA GLN A 204 20.44 8.03 -4.05
C GLN A 204 19.50 6.82 -3.96
N VAL A 205 18.30 7.02 -3.45
CA VAL A 205 17.33 5.92 -3.23
C VAL A 205 17.04 5.30 -4.60
N PHE A 206 16.76 6.11 -5.59
CA PHE A 206 16.46 5.63 -6.96
C PHE A 206 17.70 4.89 -7.54
N ASN A 207 18.85 5.56 -7.52
CA ASN A 207 20.04 4.96 -8.17
C ASN A 207 20.41 3.64 -7.51
N ASP A 208 20.36 3.57 -6.20
CA ASP A 208 20.72 2.34 -5.45
C ASP A 208 19.67 1.28 -5.65
N GLY A 209 18.39 1.64 -5.73
CA GLY A 209 17.32 0.68 -6.04
C GLY A 209 17.59 0.03 -7.38
N MET A 210 17.88 0.82 -8.39
CA MET A 210 18.15 0.29 -9.74
C MET A 210 19.42 -0.58 -9.68
N ALA A 211 20.48 -0.11 -9.05
CA ALA A 211 21.78 -0.78 -9.13
C ALA A 211 21.74 -2.12 -8.46
N VAL A 212 21.18 -2.22 -7.30
CA VAL A 212 21.19 -3.51 -6.57
C VAL A 212 20.26 -4.49 -7.27
N PHE A 213 19.10 -4.03 -7.72
CA PHE A 213 18.21 -4.86 -8.51
C PHE A 213 18.91 -5.37 -9.77
N SER A 214 19.68 -4.51 -10.40
CA SER A 214 20.41 -4.90 -11.61
CA SER A 214 20.48 -4.86 -11.60
C SER A 214 21.34 -6.09 -11.37
N ILE A 215 21.95 -6.18 -10.21
CA ILE A 215 22.85 -7.32 -9.94
C ILE A 215 22.05 -8.63 -10.00
N VAL A 216 20.91 -8.72 -9.33
CA VAL A 216 20.18 -10.00 -9.39
C VAL A 216 19.61 -10.25 -10.77
N VAL A 217 19.26 -9.20 -11.51
CA VAL A 217 18.80 -9.40 -12.89
C VAL A 217 19.91 -9.96 -13.75
N PHE A 218 21.11 -9.42 -13.66
CA PHE A 218 22.19 -9.91 -14.52
C PHE A 218 22.61 -11.32 -14.11
N GLU A 219 22.53 -11.66 -12.83
CA GLU A 219 22.82 -13.06 -12.46
C GLU A 219 21.89 -13.99 -13.23
N ALA A 220 20.62 -13.64 -13.39
CA ALA A 220 19.65 -14.44 -14.16
C ALA A 220 19.97 -14.40 -15.64
N VAL A 221 20.32 -13.23 -16.16
CA VAL A 221 20.70 -13.10 -17.59
C VAL A 221 21.86 -14.03 -17.92
N PHE A 222 22.90 -14.03 -17.10
CA PHE A 222 24.15 -14.77 -17.43
C PHE A 222 23.91 -16.29 -17.41
N ARG A 223 22.87 -16.77 -16.73
CA ARG A 223 22.56 -18.20 -16.67
C ARG A 223 22.01 -18.68 -18.02
N VAL A 224 21.47 -17.79 -18.84
CA VAL A 224 20.68 -18.13 -20.06
C VAL A 224 21.36 -17.59 -21.33
N TYR A 225 21.81 -16.36 -21.27
CA TYR A 225 22.21 -15.56 -22.45
C TYR A 225 23.71 -15.48 -22.55
N ASP A 226 24.23 -15.81 -23.73
CA ASP A 226 25.68 -15.82 -23.99
C ASP A 226 26.09 -14.74 -24.99
N GLY A 227 25.22 -13.80 -25.35
CA GLY A 227 25.43 -12.86 -26.46
C GLY A 227 26.50 -11.82 -26.17
N PHE A 228 26.99 -11.70 -24.94
CA PHE A 228 28.11 -10.82 -24.65
C PHE A 228 29.45 -11.40 -25.05
N LEU A 229 29.53 -12.69 -25.29
CA LEU A 229 30.83 -13.28 -25.65
C LEU A 229 31.31 -12.64 -26.96
N ASP A 230 32.60 -12.43 -27.09
CA ASP A 230 33.13 -11.81 -28.35
C ASP A 230 32.75 -10.35 -28.60
N MET A 231 31.89 -9.70 -27.80
CA MET A 231 31.88 -8.23 -27.82
C MET A 231 33.23 -7.70 -27.31
N LYS A 232 33.65 -6.57 -27.84
CA LYS A 232 34.89 -5.88 -27.36
C LYS A 232 34.54 -4.56 -26.70
N GLU A 233 33.33 -4.05 -26.90
CA GLU A 233 32.95 -2.76 -26.31
C GLU A 233 31.44 -2.77 -26.13
N LEU A 234 30.98 -2.20 -25.03
CA LEU A 234 29.55 -2.11 -24.72
C LEU A 234 29.28 -0.76 -24.06
N LEU A 235 28.35 -0.03 -24.65
CA LEU A 235 27.86 1.23 -24.11
C LEU A 235 26.47 1.02 -23.50
N ASP A 236 26.39 1.30 -22.19
CA ASP A 236 25.12 1.20 -21.45
C ASP A 236 24.46 2.58 -21.48
N VAL A 237 23.40 2.71 -22.28
CA VAL A 237 22.70 3.94 -22.53
C VAL A 237 21.65 4.11 -21.42
N GLY A 238 21.75 5.18 -20.63
CA GLY A 238 20.94 5.30 -19.42
C GLY A 238 21.30 4.23 -18.42
N GLY A 239 22.60 3.97 -18.25
CA GLY A 239 23.14 2.90 -17.42
C GLY A 239 23.13 3.13 -15.93
N GLY A 240 22.58 4.24 -15.48
CA GLY A 240 22.53 4.54 -14.04
C GLY A 240 23.96 4.78 -13.53
N ILE A 241 24.21 4.26 -12.33
CA ILE A 241 25.54 4.43 -11.72
C ILE A 241 26.58 3.44 -12.24
N GLY A 242 26.24 2.58 -13.21
CA GLY A 242 27.27 1.80 -13.89
C GLY A 242 27.38 0.38 -13.36
N THR A 243 26.53 -0.02 -12.42
CA THR A 243 26.67 -1.34 -11.84
C THR A 243 26.45 -2.42 -12.90
N SER A 244 25.47 -2.25 -13.78
CA SER A 244 25.18 -3.23 -14.84
C SER A 244 26.42 -3.50 -15.67
N VAL A 245 27.00 -2.44 -16.20
CA VAL A 245 28.14 -2.63 -17.10
C VAL A 245 29.34 -3.16 -16.26
N SER A 246 29.46 -2.79 -14.98
CA SER A 246 30.54 -3.37 -14.15
C SER A 246 30.39 -4.89 -14.05
N LYS A 247 29.17 -5.41 -13.95
CA LYS A 247 28.94 -6.87 -13.82
C LYS A 247 29.20 -7.55 -15.16
N ILE A 248 28.85 -6.90 -16.26
CA ILE A 248 29.11 -7.49 -17.59
C ILE A 248 30.62 -7.59 -17.80
N VAL A 249 31.38 -6.53 -17.49
CA VAL A 249 32.86 -6.54 -17.67
C VAL A 249 33.48 -7.58 -16.75
N ALA A 250 32.95 -7.77 -15.53
CA ALA A 250 33.46 -8.79 -14.60
C ALA A 250 33.34 -10.20 -15.23
N LYS A 251 32.26 -10.45 -15.96
N LYS A 251 32.24 -10.48 -15.93
CA LYS A 251 31.96 -11.77 -16.56
CA LYS A 251 31.97 -11.79 -16.54
C LYS A 251 32.70 -11.93 -17.89
C LYS A 251 32.73 -11.92 -17.87
N TYR A 252 32.93 -10.82 -18.59
CA TYR A 252 33.45 -10.80 -19.97
C TYR A 252 34.58 -9.80 -20.00
N PRO A 253 35.79 -10.23 -19.58
CA PRO A 253 36.86 -9.30 -19.26
C PRO A 253 37.51 -8.60 -20.45
N LEU A 254 37.13 -8.98 -21.66
CA LEU A 254 37.63 -8.30 -22.86
C LEU A 254 36.74 -7.15 -23.26
N ILE A 255 35.59 -7.00 -22.62
CA ILE A 255 34.70 -5.86 -22.99
C ILE A 255 35.21 -4.58 -22.35
N ARG A 256 35.39 -3.56 -23.18
CA ARG A 256 35.59 -2.17 -22.71
C ARG A 256 34.19 -1.58 -22.42
N GLY A 257 33.90 -1.35 -21.14
CA GLY A 257 32.55 -0.88 -20.78
C GLY A 257 32.48 0.63 -20.66
N VAL A 258 31.39 1.18 -21.17
CA VAL A 258 31.11 2.61 -21.03
C VAL A 258 29.71 2.75 -20.46
N ASN A 259 29.61 3.57 -19.41
CA ASN A 259 28.33 3.83 -18.75
C ASN A 259 27.92 5.26 -19.08
N PHE A 260 26.74 5.47 -19.63
CA PHE A 260 26.27 6.79 -20.11
C PHE A 260 24.96 7.13 -19.41
N ASP A 261 24.95 8.29 -18.78
CA ASP A 261 23.74 8.76 -18.08
C ASP A 261 23.79 10.28 -17.94
N LEU A 262 22.85 10.85 -17.22
CA LEU A 262 22.77 12.29 -16.97
C LEU A 262 23.86 12.71 -16.01
N PRO A 263 24.29 13.98 -16.09
CA PRO A 263 25.31 14.50 -15.20
C PRO A 263 25.04 14.23 -13.70
N HIS A 264 23.80 14.40 -13.26
CA HIS A 264 23.48 14.27 -11.81
C HIS A 264 23.62 12.83 -11.33
N VAL A 265 23.59 11.87 -12.23
CA VAL A 265 23.85 10.45 -11.91
C VAL A 265 25.32 10.14 -12.03
N ILE A 266 25.92 10.51 -13.15
CA ILE A 266 27.37 10.22 -13.34
C ILE A 266 28.20 10.84 -12.21
N SER A 267 27.89 12.05 -11.74
N SER A 267 27.82 12.03 -11.77
CA SER A 267 28.74 12.72 -10.73
CA SER A 267 28.57 12.79 -10.75
C SER A 267 28.72 11.98 -9.38
C SER A 267 28.69 12.01 -9.42
N VAL A 268 27.75 11.10 -9.14
CA VAL A 268 27.71 10.32 -7.88
C VAL A 268 28.07 8.85 -8.10
N ALA A 269 28.36 8.43 -9.30
CA ALA A 269 28.62 7.01 -9.60
C ALA A 269 29.97 6.62 -9.05
N PRO A 270 30.08 5.39 -8.53
CA PRO A 270 31.37 4.91 -8.08
C PRO A 270 32.29 4.58 -9.25
N GLN A 271 33.59 4.51 -8.98
CA GLN A 271 34.56 4.03 -9.98
C GLN A 271 34.49 2.49 -9.94
N TYR A 272 34.33 1.89 -11.08
CA TYR A 272 34.25 0.45 -11.27
C TYR A 272 35.38 0.05 -12.19
N PRO A 273 36.06 -1.07 -11.92
CA PRO A 273 37.10 -1.58 -12.82
C PRO A 273 36.55 -1.86 -14.22
N GLY A 274 37.23 -1.33 -15.25
CA GLY A 274 36.82 -1.60 -16.65
C GLY A 274 35.62 -0.80 -17.12
N VAL A 275 35.24 0.22 -16.36
CA VAL A 275 34.09 1.07 -16.72
C VAL A 275 34.52 2.52 -16.81
N GLU A 276 34.19 3.16 -17.93
CA GLU A 276 34.31 4.60 -18.15
C GLU A 276 32.93 5.21 -18.07
N HIS A 277 32.80 6.25 -17.26
CA HIS A 277 31.54 7.01 -17.17
C HIS A 277 31.55 8.18 -18.16
N VAL A 278 30.42 8.42 -18.84
CA VAL A 278 30.22 9.56 -19.74
C VAL A 278 28.86 10.15 -19.39
N ALA A 279 28.81 11.46 -19.25
CA ALA A 279 27.56 12.21 -19.04
C ALA A 279 27.07 12.83 -20.34
N GLY A 280 25.77 12.84 -20.50
CA GLY A 280 25.14 13.54 -21.61
C GLY A 280 23.65 13.49 -21.57
N ASP A 281 23.01 13.53 -22.73
CA ASP A 281 21.52 13.51 -22.89
C ASP A 281 21.24 12.57 -24.06
N MET A 282 20.74 11.39 -23.79
CA MET A 282 20.53 10.36 -24.79
C MET A 282 19.57 10.80 -25.88
N PHE A 283 18.65 11.72 -25.62
CA PHE A 283 17.73 12.17 -26.66
C PHE A 283 18.40 13.13 -27.64
N GLU A 284 19.54 13.72 -27.26
CA GLU A 284 20.28 14.63 -28.15
C GLU A 284 21.26 13.81 -28.98
N GLU A 285 22.04 12.97 -28.31
CA GLU A 285 23.09 12.17 -28.97
C GLU A 285 23.52 11.07 -28.02
N VAL A 286 23.88 9.94 -28.59
CA VAL A 286 24.53 8.84 -27.83
C VAL A 286 25.94 8.71 -28.35
N PRO A 287 26.92 8.46 -27.49
CA PRO A 287 28.28 8.21 -27.96
C PRO A 287 28.38 7.04 -28.95
N LYS A 288 29.38 7.05 -29.83
CA LYS A 288 29.64 5.86 -30.66
C LYS A 288 29.94 4.67 -29.74
N GLY A 289 29.42 3.53 -30.11
CA GLY A 289 29.70 2.28 -29.40
C GLY A 289 29.50 1.09 -30.31
N GLN A 290 30.26 0.03 -30.06
CA GLN A 290 30.19 -1.14 -30.93
C GLN A 290 28.90 -1.92 -30.70
N ASN A 291 28.43 -1.87 -29.45
CA ASN A 291 27.19 -2.55 -29.02
C ASN A 291 26.59 -1.67 -27.92
N MET A 292 25.29 -1.73 -27.73
CA MET A 292 24.62 -0.91 -26.71
C MET A 292 23.68 -1.76 -25.88
N LEU A 293 23.41 -1.27 -24.70
CA LEU A 293 22.41 -1.82 -23.77
C LEU A 293 21.44 -0.72 -23.38
N LEU A 294 20.17 -1.05 -23.40
CA LEU A 294 19.07 -0.24 -22.87
C LEU A 294 18.30 -1.14 -21.91
N LYS A 295 18.59 -1.02 -20.63
CA LYS A 295 17.86 -1.79 -19.58
C LYS A 295 16.98 -0.83 -18.80
N TRP A 296 15.69 -1.12 -18.80
CA TRP A 296 14.73 -0.33 -17.99
C TRP A 296 14.77 1.14 -18.42
N VAL A 297 14.99 1.36 -19.70
CA VAL A 297 14.98 2.72 -20.29
C VAL A 297 13.76 2.89 -21.19
N LEU A 298 13.59 2.02 -22.18
CA LEU A 298 12.46 2.19 -23.09
C LEU A 298 11.13 2.22 -22.32
N HIS A 299 10.96 1.41 -21.29
CA HIS A 299 9.68 1.41 -20.57
C HIS A 299 9.39 2.75 -19.86
N ASP A 300 10.38 3.65 -19.75
CA ASP A 300 10.16 4.96 -19.13
C ASP A 300 9.44 5.94 -20.05
N TRP A 301 9.37 5.65 -21.35
CA TRP A 301 9.07 6.68 -22.33
C TRP A 301 7.97 6.19 -23.30
N GLY A 302 7.27 7.16 -23.88
CA GLY A 302 6.32 6.90 -24.95
C GLY A 302 6.96 6.54 -26.29
N ASP A 303 6.13 6.13 -27.23
CA ASP A 303 6.64 5.61 -28.50
C ASP A 303 7.55 6.63 -29.21
N GLU A 304 7.12 7.86 -29.39
CA GLU A 304 7.91 8.84 -30.17
C GLU A 304 9.29 9.03 -29.54
N ARG A 305 9.36 9.15 -28.22
N ARG A 305 9.35 9.14 -28.22
CA ARG A 305 10.65 9.31 -27.51
CA ARG A 305 10.64 9.30 -27.50
C ARG A 305 11.48 8.04 -27.68
C ARG A 305 11.48 8.03 -27.69
N CYS A 306 10.87 6.86 -27.55
CA CYS A 306 11.63 5.61 -27.77
C CYS A 306 12.26 5.56 -29.18
N VAL A 307 11.45 5.91 -30.20
CA VAL A 307 11.97 5.84 -31.59
C VAL A 307 13.13 6.84 -31.74
N LYS A 308 13.00 8.04 -31.20
CA LYS A 308 14.07 9.06 -31.29
C LYS A 308 15.34 8.50 -30.64
N LEU A 309 15.22 7.95 -29.43
CA LEU A 309 16.39 7.36 -28.74
C LEU A 309 16.97 6.21 -29.59
N LEU A 310 16.10 5.31 -30.06
CA LEU A 310 16.61 4.18 -30.82
C LEU A 310 17.30 4.63 -32.11
N LYS A 311 16.81 5.66 -32.75
CA LYS A 311 17.49 6.19 -33.95
C LYS A 311 18.85 6.80 -33.58
N ASN A 312 18.95 7.45 -32.44
CA ASN A 312 20.25 7.94 -31.95
C ASN A 312 21.20 6.74 -31.74
N CYS A 313 20.69 5.65 -31.18
CA CYS A 313 21.51 4.46 -31.02
C CYS A 313 21.93 3.91 -32.39
N TRP A 314 20.99 3.77 -33.31
CA TRP A 314 21.30 3.27 -34.66
C TRP A 314 22.45 4.08 -35.25
N ASN A 315 22.35 5.38 -35.18
CA ASN A 315 23.32 6.30 -35.80
C ASN A 315 24.70 6.11 -35.19
N SER A 316 24.76 5.71 -33.92
CA SER A 316 26.01 5.56 -33.18
C SER A 316 26.56 4.13 -33.17
N LEU A 317 25.85 3.21 -33.82
CA LEU A 317 26.29 1.80 -33.94
C LEU A 317 26.99 1.60 -35.28
N PRO A 318 27.93 0.65 -35.36
CA PRO A 318 28.47 0.26 -36.66
C PRO A 318 27.52 -0.71 -37.37
N VAL A 319 27.76 -0.94 -38.68
CA VAL A 319 27.12 -2.08 -39.38
C VAL A 319 27.54 -3.40 -38.66
N GLY A 320 26.58 -4.28 -38.42
CA GLY A 320 26.78 -5.47 -37.54
C GLY A 320 26.64 -5.23 -36.03
N GLY A 321 26.44 -4.02 -35.56
CA GLY A 321 26.26 -3.79 -34.11
C GLY A 321 24.85 -4.17 -33.67
N LYS A 322 24.66 -4.25 -32.36
CA LYS A 322 23.32 -4.54 -31.83
C LYS A 322 23.09 -3.72 -30.61
N VAL A 323 21.81 -3.49 -30.34
N VAL A 323 21.80 -3.50 -30.36
CA VAL A 323 21.40 -2.92 -29.06
CA VAL A 323 21.28 -2.91 -29.11
C VAL A 323 20.54 -3.97 -28.38
C VAL A 323 20.54 -4.02 -28.39
N LEU A 324 20.81 -4.19 -27.11
CA LEU A 324 20.10 -5.16 -26.27
C LEU A 324 19.10 -4.40 -25.43
N ILE A 325 17.83 -4.79 -25.51
CA ILE A 325 16.79 -4.26 -24.64
C ILE A 325 16.59 -5.28 -23.51
N ILE A 326 16.62 -4.82 -22.25
CA ILE A 326 16.31 -5.70 -21.11
C ILE A 326 15.13 -5.08 -20.36
N GLU A 327 14.03 -5.82 -20.34
CA GLU A 327 12.76 -5.38 -19.80
C GLU A 327 11.97 -6.59 -19.33
N PHE A 328 11.05 -6.38 -18.40
CA PHE A 328 9.99 -7.35 -18.09
C PHE A 328 8.90 -7.15 -19.12
N VAL A 329 8.65 -8.14 -19.93
CA VAL A 329 7.73 -8.06 -21.09
C VAL A 329 6.32 -8.41 -20.59
N LEU A 330 5.35 -7.62 -21.02
CA LEU A 330 3.94 -7.83 -20.70
C LEU A 330 3.49 -9.11 -21.41
N PRO A 331 3.00 -10.14 -20.68
CA PRO A 331 2.55 -11.35 -21.36
C PRO A 331 1.20 -11.13 -22.06
N ASN A 332 0.85 -12.01 -22.99
CA ASN A 332 -0.35 -11.75 -23.83
C ASN A 332 -1.59 -12.10 -23.01
N GLU A 333 -1.48 -12.95 -21.99
CA GLU A 333 -2.58 -13.17 -21.00
C GLU A 333 -2.08 -12.89 -19.58
N LEU A 334 -2.80 -12.11 -18.78
CA LEU A 334 -2.43 -11.76 -17.39
C LEU A 334 -3.15 -12.67 -16.43
N GLY A 335 -2.48 -12.99 -15.34
CA GLY A 335 -3.11 -13.70 -14.23
C GLY A 335 -2.38 -13.47 -12.93
N ASN A 336 -2.68 -14.27 -11.94
CA ASN A 336 -2.07 -14.15 -10.60
C ASN A 336 -0.78 -14.98 -10.64
N ASN A 337 0.25 -14.44 -11.25
CA ASN A 337 1.55 -15.15 -11.41
C ASN A 337 2.70 -14.14 -11.53
N ALA A 338 3.90 -14.65 -11.41
CA ALA A 338 5.07 -13.78 -11.36
C ALA A 338 5.27 -13.03 -12.68
N GLU A 339 5.16 -13.70 -13.80
CA GLU A 339 5.39 -13.05 -15.09
C GLU A 339 4.43 -11.87 -15.28
N SER A 340 3.20 -12.03 -14.84
CA SER A 340 2.21 -10.99 -14.93
C SER A 340 2.57 -9.84 -14.01
N PHE A 341 2.73 -10.11 -12.73
CA PHE A 341 3.01 -9.02 -11.79
C PHE A 341 4.36 -8.36 -12.06
N ASN A 342 5.36 -9.11 -12.54
CA ASN A 342 6.66 -8.49 -12.84
C ASN A 342 6.50 -7.37 -13.89
N ALA A 343 5.51 -7.48 -14.76
CA ALA A 343 5.22 -6.40 -15.72
C ALA A 343 4.21 -5.40 -15.16
N LEU A 344 3.18 -5.84 -14.45
CA LEU A 344 2.15 -4.89 -13.98
C LEU A 344 2.68 -3.94 -12.93
N ILE A 345 3.61 -4.39 -12.08
CA ILE A 345 4.18 -3.52 -11.03
C ILE A 345 4.85 -2.29 -11.68
N PRO A 346 5.87 -2.48 -12.56
CA PRO A 346 6.49 -1.30 -13.18
C PRO A 346 5.49 -0.58 -14.12
N ASP A 347 4.54 -1.28 -14.69
CA ASP A 347 3.56 -0.58 -15.52
C ASP A 347 2.80 0.46 -14.70
N LEU A 348 2.37 0.09 -13.50
CA LEU A 348 1.65 1.04 -12.63
C LEU A 348 2.61 2.13 -12.16
N LEU A 349 3.80 1.76 -11.73
CA LEU A 349 4.79 2.74 -11.28
C LEU A 349 5.03 3.75 -12.39
N LEU A 350 5.32 3.28 -13.62
CA LEU A 350 5.69 4.27 -14.65
C LEU A 350 4.48 5.12 -15.02
N MET A 351 3.25 4.59 -14.99
CA MET A 351 2.07 5.41 -15.22
C MET A 351 2.05 6.62 -14.26
N ALA A 352 2.45 6.38 -13.03
CA ALA A 352 2.53 7.44 -12.03
C ALA A 352 3.76 8.33 -12.19
N LEU A 353 4.87 7.75 -12.64
CA LEU A 353 6.16 8.41 -12.45
C LEU A 353 6.70 9.16 -13.70
N ASN A 354 6.36 8.82 -14.95
CA ASN A 354 6.98 9.52 -16.09
C ASN A 354 6.03 9.52 -17.27
N PRO A 355 5.94 10.64 -18.04
CA PRO A 355 5.04 10.69 -19.20
C PRO A 355 5.35 9.58 -20.19
N GLY A 356 4.30 8.89 -20.61
CA GLY A 356 4.38 7.86 -21.68
C GLY A 356 4.94 6.53 -21.20
N GLY A 357 5.51 6.43 -20.01
CA GLY A 357 6.13 5.16 -19.63
C GLY A 357 5.09 4.06 -19.47
N LYS A 358 5.44 2.85 -19.87
CA LYS A 358 4.54 1.71 -19.84
C LYS A 358 5.33 0.46 -20.19
N GLU A 359 4.77 -0.67 -19.82
CA GLU A 359 5.30 -1.98 -20.24
C GLU A 359 4.71 -2.37 -21.58
N ARG A 360 5.45 -3.18 -22.32
CA ARG A 360 5.14 -3.51 -23.73
C ARG A 360 5.24 -5.02 -23.93
N THR A 361 4.56 -5.46 -24.96
CA THR A 361 4.67 -6.85 -25.44
C THR A 361 5.86 -6.99 -26.38
N ILE A 362 6.21 -8.23 -26.72
CA ILE A 362 7.30 -8.48 -27.72
C ILE A 362 6.96 -7.76 -29.02
N SER A 363 5.74 -7.87 -29.49
CA SER A 363 5.32 -7.25 -30.77
C SER A 363 5.56 -5.74 -30.69
N GLU A 364 5.20 -5.15 -29.57
CA GLU A 364 5.34 -3.69 -29.45
C GLU A 364 6.81 -3.28 -29.44
N TYR A 365 7.69 -4.05 -28.80
CA TYR A 365 9.14 -3.76 -28.82
C TYR A 365 9.67 -3.89 -30.26
N ASP A 366 9.24 -4.91 -30.96
CA ASP A 366 9.65 -5.11 -32.35
C ASP A 366 9.28 -3.91 -33.22
N ASP A 367 8.10 -3.37 -33.01
CA ASP A 367 7.60 -2.22 -33.80
C ASP A 367 8.51 -1.01 -33.55
N LEU A 368 8.93 -0.81 -32.31
CA LEU A 368 9.82 0.33 -31.98
C LEU A 368 11.16 0.14 -32.68
N GLY A 369 11.72 -1.05 -32.60
CA GLY A 369 13.02 -1.26 -33.26
C GLY A 369 12.93 -1.10 -34.77
N LYS A 370 11.84 -1.59 -35.36
CA LYS A 370 11.70 -1.52 -36.83
C LYS A 370 11.56 -0.06 -37.25
N ALA A 371 10.83 0.74 -36.48
CA ALA A 371 10.66 2.18 -36.81
C ALA A 371 11.97 2.93 -36.76
N ALA A 372 12.92 2.47 -35.98
CA ALA A 372 14.24 3.11 -35.81
C ALA A 372 15.30 2.59 -36.78
N GLY A 373 14.96 1.66 -37.65
CA GLY A 373 15.86 1.14 -38.67
C GLY A 373 16.46 -0.20 -38.38
N PHE A 374 16.15 -0.81 -37.26
CA PHE A 374 16.75 -2.11 -36.92
C PHE A 374 16.02 -3.21 -37.70
N ILE A 375 16.75 -4.31 -37.75
N ILE A 375 16.69 -4.31 -38.08
CA ILE A 375 16.33 -5.58 -38.39
CA ILE A 375 16.12 -5.21 -39.12
C ILE A 375 16.57 -6.72 -37.40
C ILE A 375 16.02 -6.68 -38.69
N LYS A 376 16.01 -7.88 -37.72
N LYS A 376 16.34 -6.99 -37.45
CA LYS A 376 16.21 -9.16 -37.00
CA LYS A 376 16.27 -8.36 -36.90
C LYS A 376 16.12 -8.99 -35.48
C LYS A 376 16.02 -8.19 -35.41
N THR A 377 14.90 -8.72 -34.98
CA THR A 377 14.57 -8.73 -33.55
C THR A 377 14.64 -10.15 -33.01
N ILE A 378 15.43 -10.36 -31.99
CA ILE A 378 15.58 -11.71 -31.37
C ILE A 378 15.17 -11.59 -29.91
N PRO A 379 13.97 -12.05 -29.55
CA PRO A 379 13.54 -12.04 -28.14
C PRO A 379 14.02 -13.32 -27.45
N ILE A 380 14.65 -13.16 -26.30
CA ILE A 380 15.28 -14.23 -25.48
C ILE A 380 14.66 -14.17 -24.09
N PRO A 381 13.78 -15.13 -23.77
CA PRO A 381 13.25 -15.18 -22.41
C PRO A 381 14.36 -15.56 -21.45
N ILE A 382 14.38 -14.93 -20.29
CA ILE A 382 15.38 -15.19 -19.24
C ILE A 382 14.69 -15.82 -18.04
N SER A 383 13.77 -15.09 -17.39
CA SER A 383 13.15 -15.57 -16.14
C SER A 383 11.92 -14.77 -15.81
N ASN A 384 10.77 -15.43 -15.61
CA ASN A 384 9.60 -14.76 -15.00
C ASN A 384 9.25 -13.46 -15.72
N GLY A 385 9.35 -13.46 -17.05
CA GLY A 385 8.99 -12.31 -17.87
C GLY A 385 10.16 -11.44 -18.28
N LEU A 386 11.27 -11.53 -17.58
CA LEU A 386 12.44 -10.76 -17.98
C LEU A 386 12.93 -11.34 -19.30
N HIS A 387 13.20 -10.45 -20.28
CA HIS A 387 13.77 -10.83 -21.58
C HIS A 387 15.00 -9.97 -21.87
N VAL A 388 15.88 -10.55 -22.70
CA VAL A 388 16.86 -9.77 -23.52
C VAL A 388 16.27 -9.76 -24.92
N ILE A 389 16.10 -8.60 -25.50
CA ILE A 389 15.61 -8.50 -26.88
C ILE A 389 16.73 -7.84 -27.70
N GLU A 390 17.29 -8.57 -28.66
CA GLU A 390 18.34 -7.99 -29.50
C GLU A 390 17.72 -7.30 -30.71
N PHE A 391 18.14 -6.08 -30.96
CA PHE A 391 17.86 -5.34 -32.21
C PHE A 391 19.16 -5.26 -33.00
N HIS A 392 19.15 -5.74 -34.22
CA HIS A 392 20.36 -5.77 -35.06
C HIS A 392 20.32 -4.62 -36.08
N LYS A 393 21.42 -3.91 -36.21
CA LYS A 393 21.60 -2.93 -37.31
C LYS A 393 22.03 -3.65 -38.60
N CYS B 37 15.25 -17.48 -5.88
CA CYS B 37 13.95 -17.15 -6.54
C CYS B 37 13.76 -15.61 -6.52
N TYR B 38 14.82 -14.79 -6.72
CA TYR B 38 14.62 -13.34 -6.64
C TYR B 38 13.51 -12.91 -7.61
N LEU B 39 13.50 -13.39 -8.85
CA LEU B 39 12.56 -12.87 -9.84
C LEU B 39 11.17 -13.54 -9.75
N SER B 40 10.92 -14.40 -8.78
CA SER B 40 9.54 -14.72 -8.33
CA SER B 40 9.55 -14.75 -8.30
C SER B 40 9.12 -13.75 -7.21
N GLU B 41 10.02 -13.48 -6.32
CA GLU B 41 9.70 -12.68 -5.14
C GLU B 41 9.57 -11.24 -5.50
N THR B 42 10.15 -10.79 -6.59
CA THR B 42 9.92 -9.41 -7.01
C THR B 42 8.42 -9.18 -7.19
N ALA B 43 7.73 -10.18 -7.73
CA ALA B 43 6.29 -10.02 -7.97
C ALA B 43 5.52 -10.05 -6.64
N ASN B 44 5.84 -11.00 -5.80
CA ASN B 44 5.09 -11.19 -4.53
C ASN B 44 5.25 -9.98 -3.62
N LEU B 45 6.45 -9.41 -3.55
CA LEU B 45 6.71 -8.30 -2.63
C LEU B 45 6.46 -6.94 -3.29
N GLY B 46 6.74 -6.81 -4.58
CA GLY B 46 6.63 -5.53 -5.25
C GLY B 46 5.21 -5.09 -5.46
N LYS B 47 4.28 -6.03 -5.50
CA LYS B 47 2.85 -5.71 -5.72
C LYS B 47 2.25 -5.10 -4.47
N LEU B 48 2.88 -5.26 -3.31
CA LEU B 48 2.20 -4.88 -2.05
C LEU B 48 1.89 -3.38 -1.95
N ILE B 49 2.75 -2.49 -2.40
CA ILE B 49 2.41 -1.07 -2.35
C ILE B 49 1.43 -0.76 -3.50
N CYS B 50 1.57 -1.44 -4.62
CA CYS B 50 0.83 -1.09 -5.83
C CYS B 50 -0.68 -1.32 -5.67
N ILE B 51 -1.06 -2.45 -5.09
CA ILE B 51 -2.47 -2.84 -5.03
C ILE B 51 -3.30 -1.78 -4.27
N PRO B 52 -2.93 -1.38 -3.02
CA PRO B 52 -3.79 -0.40 -2.33
C PRO B 52 -3.84 0.93 -3.06
N MET B 53 -2.77 1.37 -3.68
CA MET B 53 -2.80 2.65 -4.38
C MET B 53 -3.67 2.57 -5.62
N ALA B 54 -3.63 1.44 -6.33
CA ALA B 54 -4.57 1.25 -7.47
C ALA B 54 -6.00 1.22 -6.98
N LEU B 55 -6.23 0.54 -5.87
CA LEU B 55 -7.59 0.49 -5.29
C LEU B 55 -8.05 1.87 -4.90
N ARG B 56 -7.22 2.68 -4.28
CA ARG B 56 -7.63 4.02 -3.86
C ARG B 56 -8.01 4.81 -5.11
N ALA B 57 -7.20 4.75 -6.17
CA ALA B 57 -7.51 5.48 -7.40
C ALA B 57 -8.86 5.03 -7.96
N ALA B 58 -9.11 3.71 -7.98
CA ALA B 58 -10.38 3.20 -8.52
C ALA B 58 -11.54 3.70 -7.69
N MET B 59 -11.39 3.73 -6.36
CA MET B 59 -12.45 4.26 -5.50
C MET B 59 -12.69 5.76 -5.81
N GLU B 60 -11.61 6.52 -5.93
CA GLU B 60 -11.72 7.95 -6.18
C GLU B 60 -12.35 8.24 -7.54
N LEU B 61 -12.18 7.33 -8.48
CA LEU B 61 -12.76 7.44 -9.86
C LEU B 61 -14.16 6.81 -9.88
N ASN B 62 -14.66 6.30 -8.76
CA ASN B 62 -16.00 5.66 -8.58
CA ASN B 62 -16.05 5.75 -8.71
C ASN B 62 -16.19 4.48 -9.57
N VAL B 63 -15.12 3.72 -9.78
CA VAL B 63 -15.17 2.62 -10.76
C VAL B 63 -16.21 1.59 -10.35
N PHE B 64 -16.26 1.21 -9.07
CA PHE B 64 -17.06 0.07 -8.63
C PHE B 64 -18.56 0.40 -8.80
N GLN B 65 -18.95 1.57 -8.35
CA GLN B 65 -20.32 2.05 -8.55
C GLN B 65 -20.67 2.15 -10.03
N LEU B 66 -19.74 2.66 -10.84
CA LEU B 66 -20.01 2.71 -12.30
C LEU B 66 -20.25 1.31 -12.87
N ILE B 67 -19.43 0.35 -12.51
CA ILE B 67 -19.67 -1.04 -13.00
C ILE B 67 -21.06 -1.49 -12.54
N SER B 68 -21.40 -1.26 -11.27
CA SER B 68 -22.66 -1.73 -10.66
CA SER B 68 -22.66 -1.75 -10.68
C SER B 68 -23.87 -1.21 -11.46
N LYS B 69 -23.78 -0.01 -11.99
CA LYS B 69 -24.92 0.60 -12.69
C LYS B 69 -25.16 -0.06 -14.05
N PHE B 70 -24.28 -0.91 -14.55
CA PHE B 70 -24.56 -1.69 -15.76
C PHE B 70 -25.41 -2.92 -15.42
N GLY B 71 -25.65 -3.21 -14.14
CA GLY B 71 -26.56 -4.27 -13.71
C GLY B 71 -25.91 -5.56 -13.19
N THR B 72 -26.74 -6.47 -12.71
CA THR B 72 -26.32 -7.82 -12.30
C THR B 72 -25.54 -8.53 -13.39
N ASP B 73 -24.44 -9.12 -12.92
CA ASP B 73 -23.45 -9.90 -13.66
C ASP B 73 -22.90 -9.03 -14.79
N ALA B 74 -22.86 -7.69 -14.63
CA ALA B 74 -22.25 -6.82 -15.68
C ALA B 74 -20.76 -7.13 -15.80
N LYS B 75 -20.31 -7.04 -17.03
CA LYS B 75 -18.89 -7.22 -17.40
C LYS B 75 -18.61 -6.09 -18.40
N VAL B 76 -17.80 -5.09 -18.01
CA VAL B 76 -17.68 -3.85 -18.83
C VAL B 76 -16.22 -3.53 -19.02
N SER B 77 -15.95 -2.94 -20.16
CA SER B 77 -14.58 -2.56 -20.53
C SER B 77 -14.19 -1.24 -19.85
N ALA B 78 -12.91 -0.96 -19.86
CA ALA B 78 -12.37 0.35 -19.43
C ALA B 78 -13.02 1.48 -20.21
N SER B 79 -13.21 1.34 -21.52
N SER B 79 -13.20 1.30 -21.52
CA SER B 79 -13.79 2.47 -22.30
CA SER B 79 -13.82 2.35 -22.37
C SER B 79 -15.27 2.64 -21.94
C SER B 79 -15.25 2.63 -21.94
N GLU B 80 -16.02 1.58 -21.65
CA GLU B 80 -17.43 1.73 -21.20
C GLU B 80 -17.43 2.46 -19.86
N ILE B 81 -16.54 2.08 -18.96
CA ILE B 81 -16.50 2.76 -17.64
C ILE B 81 -16.09 4.22 -17.79
N ALA B 82 -15.07 4.50 -18.57
CA ALA B 82 -14.61 5.87 -18.78
C ALA B 82 -15.66 6.74 -19.44
N SER B 83 -16.55 6.17 -20.24
CA SER B 83 -17.62 6.90 -20.92
C SER B 83 -18.57 7.54 -19.91
N LYS B 84 -18.59 6.99 -18.69
CA LYS B 84 -19.50 7.40 -17.60
C LYS B 84 -18.77 8.35 -16.64
N MET B 85 -17.57 8.80 -17.01
CA MET B 85 -16.77 9.77 -16.24
C MET B 85 -16.76 11.12 -16.99
N PRO B 86 -17.61 12.10 -16.64
CA PRO B 86 -17.58 13.39 -17.31
C PRO B 86 -16.20 14.03 -17.31
N ASN B 87 -15.40 13.82 -16.28
CA ASN B 87 -14.10 14.52 -16.14
C ASN B 87 -13.13 14.00 -17.18
N ALA B 88 -13.35 12.78 -17.71
CA ALA B 88 -12.48 12.13 -18.71
C ALA B 88 -12.94 12.41 -20.15
N LYS B 89 -13.96 13.22 -20.36
CA LYS B 89 -14.59 13.20 -21.71
C LYS B 89 -13.73 13.86 -22.79
N ASN B 90 -12.74 14.70 -22.44
CA ASN B 90 -11.81 15.27 -23.44
C ASN B 90 -10.41 14.64 -23.37
N ASN B 91 -10.30 13.44 -22.84
CA ASN B 91 -9.03 12.70 -22.70
C ASN B 91 -9.13 11.40 -23.52
N PRO B 92 -8.65 11.39 -24.77
CA PRO B 92 -8.71 10.18 -25.58
C PRO B 92 -8.02 8.99 -24.92
N GLU B 93 -6.99 9.24 -24.14
CA GLU B 93 -6.22 8.18 -23.51
C GLU B 93 -6.80 7.73 -22.17
N ALA B 94 -7.91 8.27 -21.73
CA ALA B 94 -8.38 7.94 -20.38
C ALA B 94 -8.62 6.46 -20.20
N ALA B 95 -9.25 5.82 -21.17
CA ALA B 95 -9.60 4.40 -21.04
C ALA B 95 -8.33 3.55 -20.96
N MET B 96 -7.34 3.84 -21.80
CA MET B 96 -6.12 3.05 -21.77
C MET B 96 -5.44 3.18 -20.41
N TYR B 97 -5.40 4.36 -19.81
CA TYR B 97 -4.83 4.50 -18.47
C TYR B 97 -5.69 3.78 -17.43
N LEU B 98 -7.00 3.96 -17.53
CA LEU B 98 -7.89 3.26 -16.57
C LEU B 98 -7.68 1.77 -16.66
N ASP B 99 -7.55 1.21 -17.86
CA ASP B 99 -7.36 -0.24 -18.03
C ASP B 99 -6.10 -0.70 -17.30
N ARG B 100 -5.06 0.13 -17.27
CA ARG B 100 -3.80 -0.24 -16.59
C ARG B 100 -4.05 -0.38 -15.07
N ILE B 101 -4.92 0.41 -14.51
CA ILE B 101 -5.34 0.27 -13.09
C ILE B 101 -6.21 -0.99 -12.94
N LEU B 102 -7.20 -1.15 -13.79
CA LEU B 102 -8.16 -2.24 -13.62
C LEU B 102 -7.50 -3.59 -13.80
N ARG B 103 -6.58 -3.73 -14.74
CA ARG B 103 -5.98 -5.04 -14.98
C ARG B 103 -5.16 -5.49 -13.78
N LEU B 104 -4.56 -4.59 -13.04
CA LEU B 104 -3.86 -4.98 -11.80
C LEU B 104 -4.88 -5.48 -10.75
N LEU B 105 -6.00 -4.76 -10.60
CA LEU B 105 -7.09 -5.18 -9.69
C LEU B 105 -7.69 -6.52 -10.16
N GLY B 106 -7.75 -6.77 -11.47
CA GLY B 106 -8.18 -8.08 -11.94
C GLY B 106 -7.19 -9.18 -11.60
N ALA B 107 -5.91 -8.92 -11.78
CA ALA B 107 -4.88 -9.95 -11.50
C ALA B 107 -4.93 -10.30 -9.99
N SER B 108 -5.26 -9.32 -9.16
CA SER B 108 -5.30 -9.52 -7.69
CA SER B 108 -5.36 -9.37 -7.68
C SER B 108 -6.70 -9.96 -7.20
N SER B 109 -7.61 -10.29 -8.11
N SER B 109 -7.61 -10.27 -8.12
CA SER B 109 -8.96 -10.86 -7.84
CA SER B 109 -8.94 -10.88 -7.84
C SER B 109 -9.89 -9.85 -7.14
C SER B 109 -9.88 -9.86 -7.13
N ILE B 110 -9.62 -8.56 -7.22
CA ILE B 110 -10.59 -7.55 -6.74
C ILE B 110 -11.71 -7.35 -7.75
N LEU B 111 -11.38 -7.43 -9.03
CA LEU B 111 -12.34 -7.45 -10.14
C LEU B 111 -12.21 -8.81 -10.82
N SER B 112 -13.28 -9.26 -11.43
CA SER B 112 -13.27 -10.46 -12.30
C SER B 112 -12.94 -9.99 -13.71
N VAL B 113 -12.33 -10.81 -14.49
CA VAL B 113 -11.82 -10.50 -15.86
C VAL B 113 -12.35 -11.54 -16.84
N SER B 114 -12.88 -11.09 -17.95
CA SER B 114 -13.36 -12.00 -19.02
C SER B 114 -13.37 -11.32 -20.36
N THR B 115 -13.74 -12.10 -21.38
CA THR B 115 -14.05 -11.57 -22.72
C THR B 115 -15.28 -12.24 -23.30
N THR B 116 -15.51 -12.00 -24.60
CA THR B 116 -16.68 -12.46 -25.38
C THR B 116 -16.23 -13.15 -26.65
N ALA B 117 -17.12 -13.98 -27.21
CA ALA B 117 -16.92 -14.57 -28.54
C ALA B 117 -16.78 -13.48 -29.62
N ALA B 118 -17.58 -12.39 -29.59
CA ALA B 118 -17.51 -11.26 -30.55
C ALA B 118 -16.09 -10.69 -30.50
N SER B 119 -15.53 -10.44 -29.32
CA SER B 119 -14.17 -9.88 -29.13
C SER B 119 -13.10 -10.79 -29.71
N ILE B 120 -13.22 -12.08 -29.43
CA ILE B 120 -12.29 -13.11 -29.97
C ILE B 120 -12.46 -13.23 -31.50
N ASN B 121 -13.67 -13.23 -32.07
CA ASN B 121 -13.89 -13.78 -33.44
C ASN B 121 -13.43 -12.78 -34.53
N ASP B 126 -5.85 -10.03 -37.73
CA ASP B 126 -4.97 -8.84 -37.85
C ASP B 126 -5.40 -7.73 -36.87
N VAL B 127 -6.45 -7.93 -36.12
CA VAL B 127 -6.92 -6.94 -35.11
C VAL B 127 -6.64 -7.49 -33.70
N VAL B 128 -6.12 -6.62 -32.85
CA VAL B 128 -5.73 -6.95 -31.44
C VAL B 128 -6.71 -6.19 -30.53
N VAL B 129 -7.54 -6.95 -29.77
CA VAL B 129 -8.51 -6.40 -28.77
C VAL B 129 -7.72 -6.27 -27.48
N HIS B 130 -7.45 -5.04 -27.05
CA HIS B 130 -6.66 -4.80 -25.82
C HIS B 130 -7.62 -4.95 -24.64
N GLU B 131 -8.90 -4.60 -24.89
CA GLU B 131 -9.86 -4.38 -23.79
C GLU B 131 -10.59 -5.66 -23.33
N LYS B 132 -10.23 -6.08 -22.12
N LYS B 132 -10.22 -6.12 -22.13
CA LYS B 132 -10.97 -7.11 -21.36
CA LYS B 132 -10.97 -7.15 -21.37
C LYS B 132 -12.16 -6.46 -20.64
C LYS B 132 -12.15 -6.48 -20.66
N LEU B 133 -13.05 -7.31 -20.15
CA LEU B 133 -14.25 -6.86 -19.44
C LEU B 133 -14.07 -7.17 -17.96
N TYR B 134 -14.53 -6.27 -17.12
CA TYR B 134 -14.39 -6.36 -15.67
C TYR B 134 -15.77 -6.45 -15.02
N GLY B 135 -15.85 -7.26 -13.99
CA GLY B 135 -17.03 -7.41 -13.14
C GLY B 135 -16.70 -7.36 -11.67
N LEU B 136 -17.72 -7.09 -10.87
CA LEU B 136 -17.54 -7.06 -9.41
C LEU B 136 -17.36 -8.46 -8.84
N THR B 137 -16.70 -8.50 -7.70
CA THR B 137 -16.48 -9.72 -6.88
C THR B 137 -17.10 -9.47 -5.52
N ASN B 138 -17.04 -10.47 -4.65
CA ASN B 138 -17.57 -10.26 -3.28
C ASN B 138 -16.85 -9.09 -2.59
N SER B 139 -15.55 -8.91 -2.79
CA SER B 139 -14.80 -7.80 -2.13
CA SER B 139 -14.79 -7.79 -2.14
C SER B 139 -15.24 -6.47 -2.74
N SER B 140 -15.28 -6.37 -4.07
CA SER B 140 -15.56 -5.06 -4.69
C SER B 140 -17.03 -4.67 -4.53
N CYS B 141 -17.94 -5.59 -4.33
CA CYS B 141 -19.35 -5.15 -4.12
CA CYS B 141 -19.35 -5.29 -4.02
C CYS B 141 -19.46 -4.40 -2.78
N CYS B 142 -18.52 -4.55 -1.84
CA CYS B 142 -18.47 -3.77 -0.58
C CYS B 142 -17.94 -2.34 -0.80
N LEU B 143 -17.58 -2.00 -2.04
CA LEU B 143 -17.09 -0.69 -2.44
C LEU B 143 -18.13 0.05 -3.25
N VAL B 144 -19.34 -0.50 -3.35
CA VAL B 144 -20.44 0.15 -4.09
C VAL B 144 -21.36 0.84 -3.10
N PRO B 145 -21.47 2.16 -3.12
CA PRO B 145 -22.39 2.83 -2.23
C PRO B 145 -23.81 2.28 -2.46
N ARG B 146 -24.49 1.93 -1.37
CA ARG B 146 -25.83 1.36 -1.48
C ARG B 146 -26.79 2.37 -2.09
N GLN B 147 -27.73 1.88 -2.87
CA GLN B 147 -28.71 2.74 -3.55
C GLN B 147 -29.48 3.55 -2.50
N GLU B 148 -29.85 2.94 -1.37
CA GLU B 148 -30.80 3.55 -0.39
C GLU B 148 -30.12 4.71 0.35
N ASP B 149 -28.83 4.59 0.75
CA ASP B 149 -28.21 5.52 1.72
C ASP B 149 -26.72 5.77 1.47
N GLY B 150 -26.13 5.23 0.40
CA GLY B 150 -24.74 5.52 0.04
C GLY B 150 -23.71 4.83 0.93
N VAL B 151 -24.11 3.93 1.75
CA VAL B 151 -23.18 3.24 2.65
C VAL B 151 -22.31 2.21 1.91
N SER B 152 -21.05 2.13 2.30
CA SER B 152 -20.13 1.11 1.83
C SER B 152 -18.90 1.17 2.71
N LEU B 153 -17.87 0.38 2.39
CA LEU B 153 -16.57 0.48 3.07
C LEU B 153 -15.68 1.58 2.49
N VAL B 154 -16.13 2.31 1.47
CA VAL B 154 -15.30 3.34 0.81
C VAL B 154 -14.76 4.34 1.82
N GLU B 155 -15.60 4.91 2.66
CA GLU B 155 -15.14 6.04 3.47
C GLU B 155 -14.07 5.54 4.46
N GLU B 156 -14.25 4.38 5.08
CA GLU B 156 -13.22 3.92 6.06
C GLU B 156 -11.91 3.60 5.33
N LEU B 157 -12.01 2.98 4.15
CA LEU B 157 -10.77 2.66 3.38
C LEU B 157 -10.11 3.91 2.85
N LEU B 158 -10.85 4.96 2.53
CA LEU B 158 -10.21 6.24 2.11
C LEU B 158 -9.54 6.89 3.32
N PHE B 159 -10.06 6.68 4.54
CA PHE B 159 -9.36 7.17 5.75
C PHE B 159 -8.09 6.37 5.97
N THR B 160 -8.15 5.05 5.95
CA THR B 160 -6.95 4.31 6.35
C THR B 160 -5.81 4.36 5.33
N SER B 161 -6.12 4.76 4.10
CA SER B 161 -5.09 5.05 3.08
C SER B 161 -4.91 6.53 2.85
N ASP B 162 -5.46 7.39 3.71
CA ASP B 162 -5.27 8.86 3.53
C ASP B 162 -3.79 9.20 3.72
N LYS B 163 -3.36 10.29 3.07
CA LYS B 163 -2.00 10.78 3.25
C LYS B 163 -1.64 11.00 4.73
N VAL B 164 -2.56 11.42 5.55
N VAL B 164 -2.57 11.44 5.58
CA VAL B 164 -2.19 11.69 6.96
CA VAL B 164 -2.18 11.67 7.01
C VAL B 164 -1.81 10.36 7.64
C VAL B 164 -1.78 10.34 7.63
N VAL B 165 -2.47 9.27 7.27
CA VAL B 165 -2.23 7.94 7.86
C VAL B 165 -0.97 7.35 7.26
N VAL B 166 -0.85 7.41 5.94
CA VAL B 166 0.33 6.86 5.30
C VAL B 166 1.60 7.61 5.73
N ASP B 167 1.51 8.92 5.87
CA ASP B 167 2.66 9.70 6.38
C ASP B 167 3.06 9.21 7.78
N SER B 168 2.08 8.89 8.62
CA SER B 168 2.34 8.30 9.95
C SER B 168 3.02 6.96 9.81
N PHE B 169 2.54 6.14 8.89
CA PHE B 169 3.15 4.83 8.68
C PHE B 169 4.60 4.96 8.21
N PHE B 170 4.96 6.03 7.48
CA PHE B 170 6.36 6.22 7.07
C PHE B 170 7.29 6.39 8.29
N LYS B 171 6.74 6.72 9.46
CA LYS B 171 7.49 6.91 10.71
C LYS B 171 7.29 5.70 11.66
N LEU B 172 6.68 4.62 11.22
CA LEU B 172 6.35 3.49 12.12
C LEU B 172 7.57 2.96 12.87
N LYS B 173 8.74 2.89 12.25
CA LYS B 173 9.93 2.32 12.94
C LYS B 173 10.24 3.10 14.20
N CYS B 174 9.83 4.38 14.31
CA CYS B 174 10.17 5.20 15.49
CA CYS B 174 10.15 5.19 15.51
C CYS B 174 9.62 4.56 16.81
N VAL B 175 8.51 3.82 16.74
CA VAL B 175 7.87 3.25 17.93
C VAL B 175 8.77 2.16 18.50
N VAL B 176 9.57 1.56 17.64
CA VAL B 176 10.48 0.50 18.10
C VAL B 176 11.75 1.11 18.64
N GLU B 177 12.28 2.14 17.99
CA GLU B 177 13.59 2.70 18.33
C GLU B 177 13.58 3.55 19.58
N GLU B 178 12.54 4.38 19.66
CA GLU B 178 12.48 5.57 20.53
C GLU B 178 11.37 5.38 21.57
N LYS B 179 11.75 5.36 22.83
CA LYS B 179 10.81 5.35 23.97
C LYS B 179 9.82 6.50 23.81
N ASP B 180 8.54 6.19 23.96
CA ASP B 180 7.48 7.23 24.02
C ASP B 180 7.22 7.97 22.68
N SER B 181 7.82 7.58 21.55
CA SER B 181 7.54 8.22 20.23
C SER B 181 6.18 7.72 19.71
N VAL B 182 5.47 8.57 18.99
CA VAL B 182 4.22 8.18 18.30
C VAL B 182 4.40 8.57 16.84
N PRO B 183 4.27 7.62 15.90
CA PRO B 183 4.55 7.94 14.49
C PRO B 183 3.77 9.15 13.98
N PHE B 184 2.49 9.25 14.33
CA PHE B 184 1.65 10.39 13.87
C PHE B 184 2.30 11.72 14.32
N GLU B 185 2.73 11.77 15.58
N GLU B 185 2.74 11.78 15.58
CA GLU B 185 3.37 12.95 16.17
CA GLU B 185 3.38 13.00 16.11
C GLU B 185 4.69 13.26 15.48
C GLU B 185 4.71 13.28 15.43
N VAL B 186 5.50 12.25 15.15
CA VAL B 186 6.75 12.47 14.42
C VAL B 186 6.41 13.07 13.04
N ALA B 187 5.36 12.58 12.41
CA ALA B 187 5.01 13.03 11.05
C ALA B 187 4.36 14.41 11.02
N HIS B 188 3.59 14.77 12.03
CA HIS B 188 2.65 15.93 11.95
C HIS B 188 2.86 16.98 13.09
N GLY B 189 3.66 16.69 14.11
CA GLY B 189 3.96 17.70 15.12
C GLY B 189 2.88 17.86 16.18
N ALA B 190 1.92 16.96 16.18
CA ALA B 190 0.79 17.01 17.12
C ALA B 190 0.15 15.64 17.16
N LYS B 191 -0.58 15.32 18.22
CA LYS B 191 -1.37 14.08 18.29
C LYS B 191 -2.63 14.21 17.43
N ILE B 192 -3.22 13.08 17.11
CA ILE B 192 -4.23 13.00 16.03
C ILE B 192 -5.45 13.86 16.36
N PHE B 193 -5.98 13.74 17.58
CA PHE B 193 -7.23 14.49 17.88
C PHE B 193 -6.98 16.00 18.02
N GLU B 194 -5.79 16.36 18.47
N GLU B 194 -5.79 16.38 18.42
CA GLU B 194 -5.28 17.77 18.50
CA GLU B 194 -5.40 17.80 18.48
C GLU B 194 -5.20 18.27 17.05
C GLU B 194 -5.18 18.29 17.05
N TYR B 195 -4.57 17.48 16.21
CA TYR B 195 -4.38 17.81 14.80
C TYR B 195 -5.71 18.02 14.09
N ALA B 196 -6.68 17.13 14.35
CA ALA B 196 -8.01 17.22 13.74
C ALA B 196 -8.68 18.57 14.01
N ALA B 197 -8.41 19.16 15.17
CA ALA B 197 -9.05 20.46 15.49
C ALA B 197 -8.47 21.57 14.61
N THR B 198 -7.30 21.38 14.03
CA THR B 198 -6.61 22.41 13.19
C THR B 198 -6.75 22.17 11.68
N GLU B 199 -7.22 20.99 11.28
CA GLU B 199 -7.17 20.52 9.86
C GLU B 199 -8.54 19.98 9.45
N PRO B 200 -9.42 20.86 8.95
CA PRO B 200 -10.77 20.47 8.61
C PRO B 200 -10.92 19.33 7.62
N ARG B 201 -9.99 19.20 6.67
CA ARG B 201 -10.08 18.11 5.68
C ARG B 201 -9.88 16.78 6.39
N MET B 202 -8.84 16.70 7.21
N MET B 202 -8.83 16.65 7.22
CA MET B 202 -8.54 15.45 7.94
CA MET B 202 -8.57 15.35 7.91
C MET B 202 -9.72 15.12 8.87
C MET B 202 -9.75 15.09 8.86
N ASN B 203 -10.24 16.13 9.54
CA ASN B 203 -11.39 15.99 10.46
C ASN B 203 -12.52 15.31 9.70
N GLN B 204 -12.85 15.81 8.52
CA GLN B 204 -13.97 15.28 7.71
C GLN B 204 -13.67 13.85 7.26
N VAL B 205 -12.47 13.57 6.76
CA VAL B 205 -12.15 12.21 6.28
C VAL B 205 -12.23 11.19 7.44
N PHE B 206 -11.74 11.57 8.58
CA PHE B 206 -11.77 10.68 9.76
C PHE B 206 -13.21 10.51 10.23
N ASN B 207 -13.90 11.62 10.41
CA ASN B 207 -15.28 11.54 10.97
C ASN B 207 -16.22 10.75 10.08
N ASP B 208 -16.10 10.95 8.79
CA ASP B 208 -16.94 10.24 7.82
C ASP B 208 -16.54 8.76 7.73
N GLY B 209 -15.25 8.47 7.81
CA GLY B 209 -14.78 7.10 7.80
C GLY B 209 -15.34 6.33 8.98
N MET B 210 -15.35 6.93 10.15
CA MET B 210 -15.91 6.30 11.33
C MET B 210 -17.42 6.20 11.21
N ALA B 211 -18.10 7.22 10.73
CA ALA B 211 -19.58 7.28 10.73
C ALA B 211 -20.15 6.23 9.78
N VAL B 212 -19.62 6.17 8.57
CA VAL B 212 -20.22 5.24 7.60
C VAL B 212 -19.91 3.80 8.02
N PHE B 213 -18.68 3.55 8.46
CA PHE B 213 -18.31 2.21 8.98
C PHE B 213 -19.23 1.84 10.16
N SER B 214 -19.57 2.82 11.00
CA SER B 214 -20.45 2.55 12.16
CA SER B 214 -20.51 2.66 12.16
C SER B 214 -21.82 2.05 11.70
N ILE B 215 -22.32 2.55 10.59
CA ILE B 215 -23.64 2.08 10.08
C ILE B 215 -23.58 0.57 9.79
N VAL B 216 -22.55 0.17 9.06
CA VAL B 216 -22.36 -1.24 8.71
C VAL B 216 -22.23 -2.08 10.00
N VAL B 217 -21.44 -1.60 10.96
CA VAL B 217 -21.26 -2.39 12.20
C VAL B 217 -22.58 -2.51 12.97
N PHE B 218 -23.34 -1.43 13.12
CA PHE B 218 -24.59 -1.49 13.91
C PHE B 218 -25.63 -2.37 13.22
N GLU B 219 -25.64 -2.45 11.89
CA GLU B 219 -26.55 -3.39 11.24
C GLU B 219 -26.23 -4.81 11.72
N ALA B 220 -24.97 -5.16 11.83
CA ALA B 220 -24.56 -6.49 12.34
C ALA B 220 -24.93 -6.63 13.82
N VAL B 221 -24.66 -5.61 14.63
CA VAL B 221 -24.99 -5.64 16.05
C VAL B 221 -26.50 -5.93 16.22
N PHE B 222 -27.35 -5.18 15.52
CA PHE B 222 -28.82 -5.27 15.70
C PHE B 222 -29.36 -6.65 15.32
N ARG B 223 -28.64 -7.44 14.54
CA ARG B 223 -29.11 -8.79 14.14
C ARG B 223 -28.87 -9.79 15.27
N VAL B 224 -27.98 -9.51 16.24
CA VAL B 224 -27.49 -10.52 17.23
C VAL B 224 -27.85 -10.03 18.64
N TYR B 225 -27.64 -8.73 18.92
CA TYR B 225 -27.67 -8.16 20.29
C TYR B 225 -29.01 -7.51 20.58
N ASP B 226 -29.56 -7.82 21.73
CA ASP B 226 -30.90 -7.33 22.15
C ASP B 226 -30.82 -6.42 23.36
N GLY B 227 -29.63 -5.98 23.77
CA GLY B 227 -29.46 -5.30 25.07
C GLY B 227 -29.94 -3.87 25.04
N PHE B 228 -30.29 -3.30 23.88
CA PHE B 228 -30.79 -1.91 23.84
C PHE B 228 -32.28 -1.83 24.16
N LEU B 229 -32.99 -2.94 23.97
CA LEU B 229 -34.47 -3.00 24.01
C LEU B 229 -35.01 -2.35 25.30
N ASP B 230 -34.41 -2.63 26.45
CA ASP B 230 -34.97 -2.19 27.76
C ASP B 230 -34.43 -0.77 28.07
N MET B 231 -33.63 -0.13 27.24
CA MET B 231 -32.99 1.15 27.68
C MET B 231 -33.91 2.36 27.47
N LYS B 232 -33.82 3.40 28.32
CA LYS B 232 -34.57 4.66 28.11
C LYS B 232 -33.62 5.79 27.77
N GLU B 233 -32.32 5.60 27.92
CA GLU B 233 -31.34 6.67 27.62
C GLU B 233 -30.02 5.99 27.29
N LEU B 234 -29.30 6.55 26.32
CA LEU B 234 -27.96 6.03 25.93
C LEU B 234 -27.08 7.20 25.59
N LEU B 235 -25.95 7.27 26.30
CA LEU B 235 -24.90 8.28 26.09
C LEU B 235 -23.73 7.63 25.36
N ASP B 236 -23.42 8.14 24.17
CA ASP B 236 -22.30 7.66 23.34
C ASP B 236 -21.08 8.52 23.67
N VAL B 237 -20.14 7.92 24.38
CA VAL B 237 -18.94 8.59 24.89
C VAL B 237 -17.89 8.51 23.80
N GLY B 238 -17.40 9.63 23.31
CA GLY B 238 -16.60 9.62 22.09
C GLY B 238 -17.37 9.10 20.90
N GLY B 239 -18.61 9.59 20.77
CA GLY B 239 -19.56 9.09 19.75
C GLY B 239 -19.36 9.64 18.35
N GLY B 240 -18.35 10.43 18.14
CA GLY B 240 -18.09 10.97 16.80
C GLY B 240 -19.11 12.02 16.45
N ILE B 241 -19.55 12.03 15.21
CA ILE B 241 -20.58 13.01 14.78
C ILE B 241 -21.99 12.54 15.14
N GLY B 242 -22.15 11.41 15.82
CA GLY B 242 -23.47 11.05 16.31
C GLY B 242 -24.19 10.00 15.53
N THR B 243 -23.59 9.51 14.47
CA THR B 243 -24.25 8.55 13.60
C THR B 243 -24.66 7.31 14.38
N SER B 244 -23.77 6.75 15.18
CA SER B 244 -24.07 5.50 15.93
C SER B 244 -25.31 5.67 16.78
N VAL B 245 -25.37 6.75 17.58
CA VAL B 245 -26.52 6.90 18.49
C VAL B 245 -27.78 7.25 17.67
N SER B 246 -27.60 7.90 16.52
CA SER B 246 -28.75 8.21 15.64
C SER B 246 -29.37 6.88 15.19
N LYS B 247 -28.56 5.89 14.83
CA LYS B 247 -29.09 4.59 14.36
C LYS B 247 -29.73 3.80 15.51
N ILE B 248 -29.14 3.84 16.69
CA ILE B 248 -29.72 3.18 17.88
C ILE B 248 -31.11 3.78 18.18
N VAL B 249 -31.24 5.09 18.18
CA VAL B 249 -32.56 5.74 18.49
C VAL B 249 -33.54 5.43 17.37
N ALA B 250 -33.10 5.37 16.11
CA ALA B 250 -34.01 5.01 14.99
C ALA B 250 -34.59 3.61 15.20
N LYS B 251 -33.77 2.67 15.66
CA LYS B 251 -34.19 1.25 15.82
C LYS B 251 -35.04 1.12 17.09
N TYR B 252 -34.70 1.89 18.11
CA TYR B 252 -35.28 1.86 19.47
C TYR B 252 -35.74 3.25 19.87
N PRO B 253 -36.93 3.68 19.40
CA PRO B 253 -37.37 5.08 19.56
C PRO B 253 -37.78 5.55 20.98
N LEU B 254 -37.83 4.66 21.95
CA LEU B 254 -37.97 5.03 23.40
C LEU B 254 -36.61 5.49 23.99
N ILE B 255 -35.49 5.32 23.27
CA ILE B 255 -34.16 5.71 23.81
C ILE B 255 -33.94 7.20 23.54
N ARG B 256 -33.68 7.94 24.59
CA ARG B 256 -33.15 9.33 24.50
C ARG B 256 -31.64 9.25 24.22
N GLY B 257 -31.23 9.71 23.05
CA GLY B 257 -29.84 9.56 22.64
C GLY B 257 -29.03 10.80 22.93
N VAL B 258 -27.85 10.62 23.46
CA VAL B 258 -26.93 11.75 23.72
C VAL B 258 -25.58 11.38 23.09
N ASN B 259 -25.01 12.27 22.32
CA ASN B 259 -23.71 12.10 21.65
C ASN B 259 -22.71 13.04 22.30
N PHE B 260 -21.57 12.50 22.73
CA PHE B 260 -20.55 13.27 23.44
C PHE B 260 -19.20 13.12 22.76
N ASP B 261 -18.61 14.26 22.39
CA ASP B 261 -17.30 14.23 21.70
C ASP B 261 -16.60 15.56 21.89
N LEU B 262 -15.45 15.73 21.26
CA LEU B 262 -14.65 16.95 21.37
C LEU B 262 -15.28 18.10 20.61
N PRO B 263 -14.98 19.34 21.02
CA PRO B 263 -15.56 20.51 20.36
C PRO B 263 -15.46 20.50 18.84
N HIS B 264 -14.31 20.10 18.29
CA HIS B 264 -14.14 20.22 16.82
C HIS B 264 -14.95 19.17 16.06
N VAL B 265 -15.39 18.13 16.73
CA VAL B 265 -16.28 17.11 16.14
C VAL B 265 -17.71 17.57 16.27
N ILE B 266 -18.11 17.95 17.47
CA ILE B 266 -19.51 18.41 17.68
C ILE B 266 -19.82 19.61 16.77
N SER B 267 -18.87 20.49 16.50
CA SER B 267 -19.07 21.67 15.64
CA SER B 267 -19.12 21.68 15.65
C SER B 267 -19.57 21.29 14.24
N VAL B 268 -19.20 20.11 13.74
CA VAL B 268 -19.52 19.69 12.35
C VAL B 268 -20.55 18.59 12.36
N ALA B 269 -21.05 18.22 13.54
CA ALA B 269 -21.99 17.10 13.62
C ALA B 269 -23.34 17.51 13.05
N PRO B 270 -23.96 16.62 12.26
CA PRO B 270 -25.30 16.92 11.81
C PRO B 270 -26.35 16.90 12.93
N GLN B 271 -27.47 17.53 12.67
CA GLN B 271 -28.70 17.41 13.49
C GLN B 271 -29.32 16.05 13.17
N TYR B 272 -29.39 15.16 14.13
CA TYR B 272 -29.99 13.84 13.97
C TYR B 272 -31.24 13.76 14.83
N PRO B 273 -32.32 13.16 14.33
CA PRO B 273 -33.49 13.01 15.16
C PRO B 273 -33.19 12.21 16.43
N GLY B 274 -33.69 12.70 17.56
CA GLY B 274 -33.59 11.97 18.83
C GLY B 274 -32.19 12.01 19.43
N VAL B 275 -31.30 12.87 18.95
CA VAL B 275 -29.93 12.99 19.46
C VAL B 275 -29.66 14.41 19.94
N GLU B 276 -29.14 14.52 21.14
CA GLU B 276 -28.61 15.76 21.74
C GLU B 276 -27.09 15.67 21.71
N HIS B 277 -26.42 16.71 21.23
CA HIS B 277 -24.94 16.76 21.19
C HIS B 277 -24.43 17.46 22.43
N VAL B 278 -23.28 16.96 22.92
CA VAL B 278 -22.57 17.49 24.08
C VAL B 278 -21.09 17.51 23.69
N ALA B 279 -20.44 18.65 23.86
CA ALA B 279 -19.01 18.80 23.66
C ALA B 279 -18.29 18.74 24.99
N GLY B 280 -17.14 18.11 25.02
CA GLY B 280 -16.29 18.15 26.22
C GLY B 280 -15.06 17.28 26.07
N ASP B 281 -14.54 16.83 27.20
CA ASP B 281 -13.33 15.99 27.29
C ASP B 281 -13.65 14.83 28.21
N MET B 282 -13.74 13.66 27.65
CA MET B 282 -14.14 12.45 28.42
C MET B 282 -13.15 12.13 29.53
N PHE B 283 -11.91 12.58 29.43
CA PHE B 283 -10.94 12.32 30.51
C PHE B 283 -11.15 13.25 31.71
N GLU B 284 -11.90 14.34 31.52
N GLU B 284 -11.83 14.40 31.49
CA GLU B 284 -12.18 15.31 32.61
CA GLU B 284 -12.14 15.42 32.54
C GLU B 284 -13.53 14.97 33.22
C GLU B 284 -13.50 15.04 33.18
N GLU B 285 -14.55 14.82 32.39
CA GLU B 285 -15.93 14.66 32.92
C GLU B 285 -16.79 14.05 31.82
N VAL B 286 -17.50 13.00 32.17
CA VAL B 286 -18.52 12.39 31.31
C VAL B 286 -19.89 12.84 31.80
N PRO B 287 -20.81 13.19 30.90
CA PRO B 287 -22.17 13.56 31.33
C PRO B 287 -22.85 12.37 32.04
N LYS B 288 -23.76 12.68 32.94
CA LYS B 288 -24.58 11.60 33.57
C LYS B 288 -25.38 10.96 32.44
N GLY B 289 -25.48 9.65 32.45
CA GLY B 289 -26.36 8.88 31.58
C GLY B 289 -26.76 7.56 32.20
N GLN B 290 -27.88 7.05 31.78
CA GLN B 290 -28.40 5.79 32.35
C GLN B 290 -27.57 4.61 31.86
N ASN B 291 -27.09 4.68 30.62
CA ASN B 291 -26.29 3.64 29.96
C ASN B 291 -25.29 4.38 29.07
N MET B 292 -24.17 3.75 28.80
CA MET B 292 -23.13 4.39 27.96
C MET B 292 -22.63 3.39 26.93
N LEU B 293 -22.11 3.96 25.85
CA LEU B 293 -21.46 3.24 24.76
C LEU B 293 -20.07 3.83 24.60
N LEU B 294 -19.12 2.94 24.44
CA LEU B 294 -17.71 3.23 24.03
C LEU B 294 -17.43 2.33 22.83
N LYS B 295 -17.54 2.87 21.62
CA LYS B 295 -17.23 2.10 20.42
C LYS B 295 -15.97 2.67 19.82
N TRP B 296 -14.97 1.82 19.65
CA TRP B 296 -13.72 2.26 18.99
C TRP B 296 -13.05 3.39 19.75
N VAL B 297 -13.24 3.37 21.06
CA VAL B 297 -12.64 4.38 21.93
C VAL B 297 -11.52 3.74 22.76
N LEU B 298 -11.81 2.70 23.52
CA LEU B 298 -10.79 2.07 24.40
C LEU B 298 -9.55 1.67 23.59
N HIS B 299 -9.72 1.17 22.36
CA HIS B 299 -8.56 0.71 21.58
C HIS B 299 -7.65 1.89 21.17
N ASP B 300 -8.09 3.14 21.32
CA ASP B 300 -7.24 4.28 20.99
C ASP B 300 -6.19 4.56 22.09
N TRP B 301 -6.38 4.01 23.28
CA TRP B 301 -5.62 4.48 24.44
C TRP B 301 -4.95 3.35 25.21
N GLY B 302 -3.91 3.72 25.96
CA GLY B 302 -3.28 2.79 26.88
C GLY B 302 -4.09 2.48 28.11
N ASP B 303 -3.60 1.55 28.91
CA ASP B 303 -4.37 1.05 30.06
C ASP B 303 -4.72 2.14 31.06
N GLU B 304 -3.78 2.97 31.47
CA GLU B 304 -4.07 3.99 32.52
C GLU B 304 -5.17 4.93 32.01
N ARG B 305 -5.06 5.39 30.76
N ARG B 305 -5.06 5.38 30.77
CA ARG B 305 -6.07 6.31 30.21
CA ARG B 305 -6.08 6.29 30.22
C ARG B 305 -7.41 5.57 30.15
C ARG B 305 -7.42 5.56 30.15
N CYS B 306 -7.43 4.32 29.71
CA CYS B 306 -8.69 3.55 29.66
C CYS B 306 -9.32 3.45 31.06
N VAL B 307 -8.55 3.15 32.09
CA VAL B 307 -9.11 3.05 33.46
C VAL B 307 -9.64 4.41 33.89
N LYS B 308 -8.91 5.49 33.61
CA LYS B 308 -9.38 6.84 33.99
C LYS B 308 -10.74 7.08 33.34
N LEU B 309 -10.81 6.87 32.04
CA LEU B 309 -12.09 7.09 31.31
C LEU B 309 -13.18 6.19 31.88
N LEU B 310 -12.91 4.92 32.12
CA LEU B 310 -13.95 4.01 32.64
C LEU B 310 -14.41 4.41 34.04
N LYS B 311 -13.52 4.95 34.85
CA LYS B 311 -13.90 5.43 36.20
C LYS B 311 -14.81 6.66 36.06
N ASN B 312 -14.52 7.52 35.08
CA ASN B 312 -15.40 8.66 34.83
C ASN B 312 -16.78 8.20 34.36
N CYS B 313 -16.83 7.15 33.54
CA CYS B 313 -18.11 6.56 33.16
C CYS B 313 -18.83 5.98 34.39
N TRP B 314 -18.10 5.24 35.23
CA TRP B 314 -18.68 4.62 36.42
C TRP B 314 -19.35 5.71 37.26
N ASN B 315 -18.64 6.81 37.47
N ASN B 315 -18.66 6.82 37.48
CA ASN B 315 -19.10 7.92 38.34
CA ASN B 315 -19.15 7.87 38.39
C ASN B 315 -20.38 8.56 37.80
C ASN B 315 -20.39 8.56 37.79
N SER B 316 -20.56 8.52 36.48
CA SER B 316 -21.68 9.17 35.78
C SER B 316 -22.83 8.19 35.50
N LEU B 317 -22.70 6.91 35.84
CA LEU B 317 -23.76 5.90 35.70
C LEU B 317 -24.49 5.72 37.00
N PRO B 318 -25.78 5.35 36.92
CA PRO B 318 -26.50 4.97 38.12
C PRO B 318 -26.17 3.53 38.53
N VAL B 319 -26.50 3.15 39.77
CA VAL B 319 -26.53 1.70 40.20
C VAL B 319 -27.42 0.95 39.20
N GLY B 320 -26.89 -0.16 38.61
CA GLY B 320 -27.63 -0.95 37.58
C GLY B 320 -27.41 -0.43 36.15
N GLY B 321 -26.75 0.70 35.97
CA GLY B 321 -26.39 1.07 34.60
C GLY B 321 -25.34 0.16 33.99
N LYS B 322 -25.14 0.29 32.68
CA LYS B 322 -24.04 -0.45 32.07
C LYS B 322 -23.36 0.40 31.02
N VAL B 323 -22.13 0.02 30.74
N VAL B 323 -22.12 0.00 30.74
CA VAL B 323 -21.42 0.59 29.57
CA VAL B 323 -21.29 0.52 29.64
C VAL B 323 -21.11 -0.57 28.64
C VAL B 323 -21.14 -0.62 28.64
N LEU B 324 -21.39 -0.33 27.37
CA LEU B 324 -21.17 -1.27 26.29
C LEU B 324 -19.85 -0.88 25.62
N ILE B 325 -18.95 -1.83 25.49
CA ILE B 325 -17.74 -1.68 24.69
C ILE B 325 -17.95 -2.37 23.35
N ILE B 326 -17.77 -1.66 22.22
CA ILE B 326 -17.85 -2.31 20.91
C ILE B 326 -16.48 -2.18 20.26
N GLU B 327 -15.85 -3.32 19.99
CA GLU B 327 -14.48 -3.39 19.44
C GLU B 327 -14.34 -4.68 18.62
N PHE B 328 -13.39 -4.69 17.71
CA PHE B 328 -12.87 -5.96 17.17
C PHE B 328 -11.89 -6.53 18.18
N VAL B 329 -12.27 -7.64 18.76
CA VAL B 329 -11.46 -8.25 19.85
C VAL B 329 -10.34 -9.08 19.24
N LEU B 330 -9.14 -8.94 19.81
CA LEU B 330 -7.99 -9.76 19.39
C LEU B 330 -8.29 -11.20 19.81
N PRO B 331 -8.28 -12.18 18.87
CA PRO B 331 -8.51 -13.56 19.26
C PRO B 331 -7.38 -14.01 20.20
N ASN B 332 -7.68 -15.00 21.02
CA ASN B 332 -6.68 -15.58 21.97
C ASN B 332 -5.55 -16.24 21.17
N GLU B 333 -5.84 -16.80 20.00
CA GLU B 333 -4.81 -17.38 19.10
C GLU B 333 -5.06 -16.81 17.70
N LEU B 334 -4.07 -16.10 17.14
CA LEU B 334 -4.20 -15.50 15.79
C LEU B 334 -4.08 -16.62 14.74
N GLY B 335 -4.81 -16.45 13.65
CA GLY B 335 -4.72 -17.28 12.43
C GLY B 335 -5.02 -16.49 11.16
N ASN B 336 -5.31 -17.25 10.12
CA ASN B 336 -5.64 -16.72 8.78
C ASN B 336 -7.13 -16.67 8.65
N ASN B 337 -7.69 -15.67 9.28
CA ASN B 337 -9.15 -15.58 9.21
C ASN B 337 -9.48 -14.12 9.38
N ALA B 338 -10.73 -13.84 9.12
CA ALA B 338 -11.25 -12.47 9.17
C ALA B 338 -11.16 -11.98 10.58
N GLU B 339 -11.44 -12.81 11.55
CA GLU B 339 -11.43 -12.35 12.94
C GLU B 339 -10.03 -11.86 13.31
N SER B 340 -9.00 -12.57 12.91
CA SER B 340 -7.63 -12.19 13.22
C SER B 340 -7.30 -10.89 12.48
N PHE B 341 -7.54 -10.82 11.19
CA PHE B 341 -7.18 -9.60 10.43
C PHE B 341 -8.02 -8.40 10.85
N ASN B 342 -9.27 -8.61 11.25
CA ASN B 342 -10.11 -7.50 11.69
C ASN B 342 -9.53 -6.83 12.95
N ALA B 343 -8.77 -7.57 13.75
CA ALA B 343 -8.05 -7.00 14.88
C ALA B 343 -6.66 -6.47 14.50
N LEU B 344 -5.93 -7.20 13.64
CA LEU B 344 -4.56 -6.81 13.32
C LEU B 344 -4.54 -5.48 12.54
N ILE B 345 -5.53 -5.25 11.69
CA ILE B 345 -5.58 -3.99 10.90
C ILE B 345 -5.63 -2.78 11.83
N PRO B 346 -6.65 -2.64 12.70
CA PRO B 346 -6.65 -1.49 13.59
C PRO B 346 -5.50 -1.56 14.59
N ASP B 347 -5.00 -2.72 14.95
CA ASP B 347 -3.83 -2.78 15.87
C ASP B 347 -2.63 -2.04 15.25
N LEU B 348 -2.40 -2.27 13.97
CA LEU B 348 -1.24 -1.60 13.34
C LEU B 348 -1.55 -0.10 13.15
N LEU B 349 -2.78 0.20 12.75
CA LEU B 349 -3.17 1.63 12.56
C LEU B 349 -3.01 2.36 13.89
N LEU B 350 -3.50 1.81 14.98
CA LEU B 350 -3.44 2.58 16.24
C LEU B 350 -1.99 2.69 16.74
N MET B 351 -1.15 1.68 16.49
CA MET B 351 0.26 1.79 16.83
C MET B 351 0.86 3.02 16.15
N ALA B 352 0.48 3.26 14.89
CA ALA B 352 0.97 4.45 14.18
C ALA B 352 0.30 5.74 14.66
N LEU B 353 -0.98 5.69 14.99
CA LEU B 353 -1.80 6.90 15.08
C LEU B 353 -1.96 7.49 16.49
N ASN B 354 -1.86 6.73 17.59
CA ASN B 354 -2.15 7.37 18.90
C ASN B 354 -1.38 6.67 19.99
N PRO B 355 -0.86 7.40 20.99
CA PRO B 355 -0.10 6.76 22.05
C PRO B 355 -0.94 5.73 22.78
N GLY B 356 -0.35 4.57 22.98
CA GLY B 356 -0.94 3.47 23.76
C GLY B 356 -2.01 2.68 23.06
N GLY B 357 -2.50 3.11 21.92
CA GLY B 357 -3.64 2.44 21.26
C GLY B 357 -3.24 1.04 20.79
N LYS B 358 -4.12 0.09 21.01
CA LYS B 358 -3.88 -1.32 20.67
C LYS B 358 -5.17 -2.08 20.74
N GLU B 359 -5.20 -3.24 20.09
CA GLU B 359 -6.32 -4.16 20.23
C GLU B 359 -6.02 -5.09 21.43
N ARG B 360 -7.12 -5.56 22.01
CA ARG B 360 -7.08 -6.33 23.27
C ARG B 360 -7.93 -7.59 23.18
N THR B 361 -7.54 -8.57 23.99
CA THR B 361 -8.31 -9.83 24.14
C THR B 361 -9.49 -9.60 25.11
N ILE B 362 -10.38 -10.55 25.17
CA ILE B 362 -11.49 -10.53 26.15
C ILE B 362 -10.94 -10.34 27.56
N SER B 363 -9.93 -11.09 27.91
CA SER B 363 -9.35 -11.04 29.28
CA SER B 363 -9.37 -11.04 29.29
C SER B 363 -8.84 -9.62 29.56
N GLU B 364 -8.15 -9.02 28.59
CA GLU B 364 -7.59 -7.67 28.78
C GLU B 364 -8.73 -6.66 28.93
N TYR B 365 -9.82 -6.78 28.20
CA TYR B 365 -10.94 -5.85 28.37
C TYR B 365 -11.56 -6.04 29.77
N ASP B 366 -11.73 -7.28 30.18
CA ASP B 366 -12.30 -7.58 31.52
C ASP B 366 -11.43 -6.92 32.58
N ASP B 367 -10.12 -7.01 32.47
CA ASP B 367 -9.20 -6.41 33.46
C ASP B 367 -9.38 -4.89 33.52
N LEU B 368 -9.60 -4.21 32.39
CA LEU B 368 -9.84 -2.76 32.41
C LEU B 368 -11.15 -2.49 33.18
N GLY B 369 -12.22 -3.18 32.83
CA GLY B 369 -13.52 -2.90 33.46
C GLY B 369 -13.41 -3.13 34.97
N LYS B 370 -12.77 -4.23 35.36
CA LYS B 370 -12.65 -4.59 36.79
C LYS B 370 -11.87 -3.49 37.53
N ALA B 371 -10.81 -2.98 36.95
CA ALA B 371 -9.97 -1.93 37.59
C ALA B 371 -10.74 -0.64 37.80
N ALA B 372 -11.77 -0.41 36.99
CA ALA B 372 -12.58 0.82 37.06
C ALA B 372 -13.81 0.62 37.94
N GLY B 373 -13.99 -0.54 38.54
CA GLY B 373 -15.12 -0.76 39.46
C GLY B 373 -16.32 -1.50 38.90
N PHE B 374 -16.26 -1.90 37.65
CA PHE B 374 -17.36 -2.68 37.04
C PHE B 374 -17.29 -4.13 37.51
N ILE B 375 -18.46 -4.74 37.40
N ILE B 375 -18.40 -4.90 37.52
CA ILE B 375 -18.69 -6.18 37.66
CA ILE B 375 -18.42 -6.19 38.31
C ILE B 375 -19.43 -6.80 36.48
C ILE B 375 -19.04 -7.40 37.61
N LYS B 376 -19.56 -8.13 36.56
N LYS B 376 -19.49 -7.28 36.37
CA LYS B 376 -20.32 -8.95 35.58
CA LYS B 376 -20.16 -8.43 35.69
C LYS B 376 -20.06 -8.55 34.12
C LYS B 376 -19.94 -8.27 34.18
N THR B 377 -18.84 -8.77 33.66
CA THR B 377 -18.46 -8.58 32.26
C THR B 377 -19.20 -9.62 31.43
N ILE B 378 -19.88 -9.21 30.36
CA ILE B 378 -20.58 -10.14 29.46
C ILE B 378 -20.09 -9.92 28.04
N PRO B 379 -19.21 -10.81 27.51
CA PRO B 379 -18.74 -10.69 26.14
C PRO B 379 -19.77 -11.34 25.22
N ILE B 380 -20.18 -10.60 24.20
CA ILE B 380 -21.18 -11.04 23.21
C ILE B 380 -20.56 -10.98 21.82
N PRO B 381 -20.22 -12.12 21.22
CA PRO B 381 -19.73 -12.14 19.84
C PRO B 381 -20.85 -11.71 18.87
N ILE B 382 -20.47 -10.87 17.91
CA ILE B 382 -21.39 -10.35 16.89
C ILE B 382 -21.04 -10.97 15.56
N SER B 383 -19.87 -10.65 15.03
CA SER B 383 -19.48 -11.09 13.68
C SER B 383 -17.98 -10.92 13.47
N ASN B 384 -17.29 -12.00 13.05
CA ASN B 384 -15.88 -11.89 12.57
C ASN B 384 -15.01 -11.06 13.55
N GLY B 385 -15.20 -11.27 14.84
CA GLY B 385 -14.36 -10.67 15.88
C GLY B 385 -15.03 -9.46 16.54
N LEU B 386 -15.96 -8.81 15.88
CA LEU B 386 -16.68 -7.71 16.51
C LEU B 386 -17.45 -8.26 17.69
N HIS B 387 -17.32 -7.61 18.82
CA HIS B 387 -18.08 -7.98 20.04
C HIS B 387 -18.78 -6.74 20.60
N VAL B 388 -19.84 -7.00 21.33
CA VAL B 388 -20.32 -6.07 22.38
C VAL B 388 -19.83 -6.67 23.68
N ILE B 389 -19.15 -5.89 24.51
CA ILE B 389 -18.78 -6.38 25.86
C ILE B 389 -19.50 -5.48 26.86
N GLU B 390 -20.38 -6.05 27.64
CA GLU B 390 -21.12 -5.26 28.65
C GLU B 390 -20.33 -5.23 29.94
N PHE B 391 -20.18 -4.04 30.50
CA PHE B 391 -19.63 -3.83 31.87
C PHE B 391 -20.79 -3.30 32.72
N HIS B 392 -21.09 -3.96 33.83
CA HIS B 392 -22.19 -3.59 34.74
C HIS B 392 -21.65 -2.84 35.94
N LYS B 393 -22.32 -1.75 36.30
CA LYS B 393 -22.05 -1.07 37.60
C LYS B 393 -22.80 -1.80 38.73
#